data_3LCE
#
_entry.id   3LCE
#
_cell.length_a   65.700
_cell.length_b   82.544
_cell.length_c   102.360
_cell.angle_alpha   90.000
_cell.angle_beta   94.630
_cell.angle_gamma   90.000
#
_symmetry.space_group_name_H-M   'P 1 21 1'
#
loop_
_entity.id
_entity.type
_entity.pdbx_description
1 polymer 'Beta-lactamase OXA-10'
2 non-polymer GLYCEROL
3 non-polymer '(1S,3S,4S,5S)-7,7-dichloro-3-methoxy-2-thiabicyclo[3.2.0]heptan-6-one-4-carboxylic acid'
4 non-polymer 'PHOSPHATE ION'
5 water water
#
_entity_poly.entity_id   1
_entity_poly.type   'polypeptide(L)'
_entity_poly.pdbx_seq_one_letter_code
;SITENTSWNKEFSAEAVNGVFVLCKSSSKSCATNDLARASKEYLPASTF(KCX)IPNAIIGLETGVIKNEHQVFKWDGKP
RAMKQWERDLTLRGAIQVSAVPVFQQIAREVGEVRMQKYLKKFSYGNQNISGGIDKFWLEGQLRISAVNQVEFLESLYLN
KLSASKENQLIVKEALVTEAAPEYLVHSKTGFSGVGTESNPGVAWWVGWVEKETEVYFFAFNMDIDNESKLPLRKSIPTK
IMESEGIIGG
;
_entity_poly.pdbx_strand_id   A,B,C,D
#
loop_
_chem_comp.id
_chem_comp.type
_chem_comp.name
_chem_comp.formula
GOL non-polymer GLYCEROL 'C3 H8 O3'
LCE non-polymer '(1S,3S,4S,5S)-7,7-dichloro-3-methoxy-2-thiabicyclo[3.2.0]heptan-6-one-4-carboxylic acid' 'C8 H8 Cl2 O4 S'
PO4 non-polymer 'PHOSPHATE ION' 'O4 P -3'
#
# COMPACT_ATOMS: atom_id res chain seq x y z
N SER A 1 45.54 -16.44 -18.28
CA SER A 1 44.44 -16.07 -17.32
C SER A 1 44.12 -17.13 -16.22
N ILE A 2 43.87 -18.40 -16.58
CA ILE A 2 43.27 -19.35 -15.60
C ILE A 2 44.04 -20.66 -15.31
N THR A 3 44.13 -21.03 -14.04
CA THR A 3 44.99 -22.12 -13.64
C THR A 3 44.18 -23.08 -12.77
N GLU A 4 44.46 -24.38 -12.80
CA GLU A 4 43.64 -25.34 -12.06
C GLU A 4 44.26 -25.51 -10.69
N ASN A 5 43.40 -25.70 -9.70
CA ASN A 5 43.91 -25.96 -8.38
C ASN A 5 43.14 -27.16 -7.89
N THR A 6 43.77 -28.31 -8.03
CA THR A 6 43.08 -29.55 -7.76
C THR A 6 42.96 -29.82 -6.26
N SER A 7 43.56 -29.02 -5.40
CA SER A 7 43.32 -29.32 -4.00
C SER A 7 41.85 -28.97 -3.67
N TRP A 8 41.29 -28.01 -4.39
CA TRP A 8 39.94 -27.54 -4.09
C TRP A 8 38.83 -28.54 -4.41
N ASN A 9 39.18 -29.71 -4.93
CA ASN A 9 38.11 -30.64 -5.22
C ASN A 9 37.68 -31.37 -3.95
N LYS A 10 38.56 -31.39 -2.96
CA LYS A 10 38.29 -32.12 -1.72
C LYS A 10 36.90 -31.73 -1.25
N GLU A 11 36.65 -30.43 -1.17
CA GLU A 11 35.35 -29.93 -0.76
C GLU A 11 34.22 -30.44 -1.63
N PHE A 12 34.42 -30.61 -2.94
CA PHE A 12 33.33 -31.09 -3.78
C PHE A 12 33.11 -32.57 -3.59
N SER A 13 34.19 -33.35 -3.60
CA SER A 13 34.04 -34.81 -3.51
C SER A 13 33.50 -35.20 -2.12
N ALA A 14 33.96 -34.52 -1.09
CA ALA A 14 33.37 -34.75 0.22
C ALA A 14 31.86 -34.94 0.06
N GLU A 15 31.21 -34.09 -0.76
CA GLU A 15 29.76 -34.04 -0.79
C GLU A 15 29.16 -34.66 -2.00
N ALA A 16 29.99 -35.26 -2.86
CA ALA A 16 29.51 -35.82 -4.13
C ALA A 16 28.87 -34.75 -5.02
N VAL A 17 29.46 -33.56 -5.00
CA VAL A 17 28.93 -32.38 -5.69
C VAL A 17 29.68 -32.18 -6.99
N ASN A 18 28.95 -32.07 -8.09
CA ASN A 18 29.51 -31.65 -9.35
C ASN A 18 29.35 -30.14 -9.51
N GLY A 19 30.46 -29.40 -9.44
CA GLY A 19 30.40 -27.94 -9.38
C GLY A 19 31.75 -27.30 -9.74
N VAL A 20 31.82 -25.99 -9.70
CA VAL A 20 33.03 -25.30 -9.99
C VAL A 20 33.06 -24.01 -9.17
N PHE A 21 34.25 -23.66 -8.72
CA PHE A 21 34.50 -22.41 -8.07
C PHE A 21 35.56 -21.71 -8.91
N VAL A 22 35.36 -20.43 -9.18
CA VAL A 22 36.38 -19.61 -9.82
C VAL A 22 36.67 -18.47 -8.85
N LEU A 23 37.96 -18.22 -8.61
CA LEU A 23 38.41 -17.23 -7.62
C LEU A 23 39.55 -16.44 -8.21
N CYS A 24 39.43 -15.12 -8.21
CA CYS A 24 40.38 -14.25 -8.87
C CYS A 24 40.84 -13.15 -7.87
N LYS A 25 42.14 -13.05 -7.65
CA LYS A 25 42.67 -11.97 -6.82
C LYS A 25 43.00 -10.78 -7.68
N SER A 26 42.60 -9.58 -7.24
CA SER A 26 42.84 -8.28 -7.91
C SER A 26 42.10 -8.08 -9.21
N SER A 27 42.06 -9.08 -10.09
CA SER A 27 41.39 -8.90 -11.39
C SER A 27 41.12 -10.23 -12.06
N SER A 28 40.29 -10.20 -13.11
CA SER A 28 39.96 -11.41 -13.87
C SER A 28 41.14 -11.92 -14.69
N LYS A 29 42.25 -11.20 -14.65
CA LYS A 29 43.36 -11.66 -15.41
C LYS A 29 44.14 -12.74 -14.70
N SER A 30 43.77 -13.03 -13.46
CA SER A 30 44.39 -14.15 -12.80
C SER A 30 43.39 -14.89 -11.99
N CYS A 31 42.79 -15.91 -12.57
CA CYS A 31 41.84 -16.70 -11.86
C CYS A 31 42.40 -18.10 -11.59
N ALA A 32 41.89 -18.73 -10.54
CA ALA A 32 42.12 -20.16 -10.33
C ALA A 32 40.79 -20.92 -10.15
N THR A 33 40.77 -22.20 -10.48
CA THR A 33 39.54 -22.94 -10.39
C THR A 33 39.83 -24.43 -10.11
N ASN A 34 38.89 -25.15 -9.49
CA ASN A 34 38.99 -26.61 -9.37
C ASN A 34 38.71 -27.39 -10.67
N ASP A 35 38.13 -26.74 -11.66
CA ASP A 35 37.64 -27.48 -12.83
C ASP A 35 37.70 -26.59 -14.04
N LEU A 36 38.80 -26.73 -14.78
CA LEU A 36 39.04 -25.93 -15.93
C LEU A 36 37.93 -25.97 -16.98
N ALA A 37 37.39 -27.14 -17.24
CA ALA A 37 36.35 -27.24 -18.24
C ALA A 37 35.10 -26.48 -17.81
N ARG A 38 34.59 -26.86 -16.64
CA ARG A 38 33.32 -26.33 -16.16
C ARG A 38 33.37 -24.83 -15.91
N ALA A 39 34.58 -24.27 -15.72
CA ALA A 39 34.70 -22.83 -15.44
C ALA A 39 34.07 -21.93 -16.52
N SER A 40 34.11 -22.34 -17.79
N SER A 40 34.14 -22.37 -17.79
CA SER A 40 33.45 -21.57 -18.83
CA SER A 40 33.51 -21.64 -18.89
C SER A 40 32.22 -22.28 -19.40
C SER A 40 32.24 -22.29 -19.42
N LYS A 41 31.79 -23.35 -18.76
CA LYS A 41 30.46 -23.90 -19.10
C LYS A 41 29.35 -22.98 -18.64
N GLU A 42 28.26 -22.90 -19.39
CA GLU A 42 27.25 -21.89 -19.16
C GLU A 42 25.96 -22.53 -18.60
N TYR A 43 25.34 -21.83 -17.63
CA TYR A 43 24.17 -22.31 -16.91
C TYR A 43 23.10 -21.20 -16.75
N LEU A 44 21.86 -21.59 -16.50
CA LEU A 44 20.85 -20.58 -16.21
C LEU A 44 21.41 -19.68 -15.11
N PRO A 45 21.28 -18.36 -15.23
CA PRO A 45 21.77 -17.56 -14.10
C PRO A 45 20.86 -17.62 -12.86
N ALA A 46 19.57 -17.97 -13.07
CA ALA A 46 18.52 -17.85 -12.00
C ALA A 46 18.68 -16.50 -11.27
N SER A 47 18.64 -16.48 -9.95
N SER A 47 18.56 -16.40 -9.87
CA SER A 47 18.56 -15.19 -9.24
CA SER A 47 18.41 -15.09 -9.26
C SER A 47 19.81 -14.31 -9.28
C SER A 47 19.77 -14.41 -9.19
N THR A 48 20.94 -14.84 -9.73
CA THR A 48 22.11 -13.96 -9.92
C THR A 48 21.78 -12.96 -11.02
N PHE A 49 20.74 -13.28 -11.81
CA PHE A 49 20.33 -12.32 -12.84
C PHE A 49 19.75 -11.03 -12.25
N KCX A 50 19.47 -11.02 -10.96
CA KCX A 50 18.94 -9.78 -10.37
CB KCX A 50 18.40 -9.97 -8.96
CG KCX A 50 17.18 -10.98 -8.96
CD KCX A 50 16.49 -11.14 -7.56
CE KCX A 50 15.17 -11.97 -7.57
NZ KCX A 50 15.34 -13.30 -8.23
C KCX A 50 19.96 -8.68 -10.36
O KCX A 50 19.57 -7.50 -10.36
CX KCX A 50 15.10 -13.59 -9.52
OQ1 KCX A 50 14.68 -12.77 -10.35
OQ2 KCX A 50 15.34 -14.73 -9.88
N ILE A 51 21.26 -9.03 -10.42
CA ILE A 51 22.25 -7.96 -10.50
C ILE A 51 22.10 -7.12 -11.82
N PRO A 52 22.26 -7.73 -13.01
CA PRO A 52 22.09 -6.90 -14.22
C PRO A 52 20.64 -6.40 -14.38
N ASN A 53 19.66 -7.21 -13.97
CA ASN A 53 18.24 -6.79 -14.09
C ASN A 53 18.02 -5.51 -13.25
N ALA A 54 18.62 -5.44 -12.07
CA ALA A 54 18.46 -4.23 -11.26
C ALA A 54 19.15 -3.00 -11.87
N ILE A 55 20.36 -3.20 -12.35
CA ILE A 55 21.08 -2.13 -13.06
C ILE A 55 20.26 -1.61 -14.25
N ILE A 56 19.77 -2.52 -15.07
CA ILE A 56 18.97 -2.18 -16.24
C ILE A 56 17.66 -1.44 -15.89
N GLY A 57 17.01 -1.88 -14.82
CA GLY A 57 15.76 -1.24 -14.33
C GLY A 57 16.04 0.21 -13.88
N LEU A 58 17.18 0.44 -13.26
CA LEU A 58 17.52 1.80 -12.88
C LEU A 58 17.89 2.63 -14.11
N GLU A 59 18.72 2.05 -14.99
CA GLU A 59 19.21 2.78 -16.20
C GLU A 59 18.03 3.24 -17.05
N THR A 60 17.03 2.38 -17.17
CA THR A 60 15.84 2.64 -17.98
C THR A 60 14.77 3.45 -17.25
N GLY A 61 14.96 3.69 -15.96
CA GLY A 61 14.00 4.48 -15.24
C GLY A 61 12.81 3.64 -14.82
N VAL A 62 12.80 2.37 -15.17
CA VAL A 62 11.74 1.50 -14.68
C VAL A 62 11.75 1.47 -13.17
N ILE A 63 12.97 1.43 -12.59
CA ILE A 63 13.09 1.62 -11.13
C ILE A 63 13.43 3.11 -10.90
N LYS A 64 12.58 3.81 -10.14
CA LYS A 64 12.68 5.26 -10.03
C LYS A 64 14.02 5.76 -9.54
N ASN A 65 14.44 5.24 -8.38
CA ASN A 65 15.71 5.55 -7.78
C ASN A 65 15.98 4.52 -6.72
N GLU A 66 17.07 4.72 -5.98
CA GLU A 66 17.48 3.76 -4.98
C GLU A 66 16.43 3.57 -3.89
N HIS A 67 15.53 4.51 -3.71
CA HIS A 67 14.59 4.48 -2.58
C HIS A 67 13.20 3.93 -2.95
N GLN A 68 13.04 3.47 -4.16
CA GLN A 68 11.74 2.90 -4.54
C GLN A 68 11.33 1.73 -3.65
N VAL A 69 10.07 1.73 -3.18
CA VAL A 69 9.52 0.58 -2.47
C VAL A 69 8.61 -0.21 -3.44
N PHE A 70 8.79 -1.53 -3.44
CA PHE A 70 7.98 -2.42 -4.26
C PHE A 70 6.97 -3.02 -3.32
N LYS A 71 5.71 -2.59 -3.47
CA LYS A 71 4.68 -2.91 -2.53
C LYS A 71 4.04 -4.26 -2.88
N TRP A 72 3.67 -5.00 -1.85
CA TRP A 72 2.98 -6.27 -2.02
C TRP A 72 1.49 -5.92 -2.10
N ASP A 73 0.85 -6.49 -3.12
CA ASP A 73 -0.60 -6.35 -3.38
C ASP A 73 -1.48 -7.25 -2.50
N GLY A 74 -0.86 -8.03 -1.61
CA GLY A 74 -1.61 -8.82 -0.68
C GLY A 74 -2.02 -10.13 -1.27
N LYS A 75 -1.61 -10.36 -2.52
CA LYS A 75 -1.99 -11.60 -3.21
C LYS A 75 -0.86 -12.61 -2.97
N PRO A 76 -1.17 -13.91 -3.06
CA PRO A 76 -0.26 -14.95 -2.66
C PRO A 76 1.00 -14.96 -3.50
N ARG A 77 2.15 -15.22 -2.88
CA ARG A 77 3.37 -15.43 -3.61
C ARG A 77 3.98 -16.77 -3.22
N ALA A 78 4.96 -17.26 -3.97
CA ALA A 78 5.50 -18.57 -3.75
C ALA A 78 6.32 -18.66 -2.47
N MET A 79 6.83 -17.53 -1.99
N MET A 79 6.79 -17.51 -1.97
CA MET A 79 7.56 -17.57 -0.73
CA MET A 79 7.59 -17.51 -0.74
C MET A 79 6.97 -16.56 0.23
C MET A 79 7.11 -16.49 0.27
N LYS A 80 6.91 -16.96 1.49
CA LYS A 80 6.41 -16.12 2.57
C LYS A 80 7.29 -14.91 2.74
N GLN A 81 8.59 -15.07 2.50
CA GLN A 81 9.49 -13.92 2.66
C GLN A 81 9.24 -12.80 1.63
N TRP A 82 8.61 -13.14 0.52
CA TRP A 82 8.25 -12.14 -0.51
C TRP A 82 6.90 -11.47 -0.26
N GLU A 83 6.16 -11.93 0.75
CA GLU A 83 4.85 -11.35 1.04
C GLU A 83 4.93 -10.15 1.94
N ARG A 84 5.50 -9.07 1.42
CA ARG A 84 5.53 -7.80 2.14
C ARG A 84 6.25 -6.79 1.26
N ASP A 85 6.16 -5.50 1.60
CA ASP A 85 6.80 -4.43 0.84
C ASP A 85 8.30 -4.63 0.99
N LEU A 86 9.03 -4.33 -0.08
CA LEU A 86 10.48 -4.59 -0.08
C LEU A 86 11.17 -3.37 -0.71
N THR A 87 12.35 -3.01 -0.18
CA THR A 87 13.15 -2.00 -0.85
C THR A 87 13.89 -2.68 -1.98
N LEU A 88 14.64 -1.92 -2.76
CA LEU A 88 15.44 -2.52 -3.85
C LEU A 88 16.41 -3.51 -3.26
N ARG A 89 17.12 -3.06 -2.23
N ARG A 89 17.12 -3.09 -2.22
CA ARG A 89 18.05 -3.95 -1.55
CA ARG A 89 18.07 -4.02 -1.60
C ARG A 89 17.30 -5.17 -1.05
C ARG A 89 17.30 -5.21 -1.01
N GLY A 90 16.15 -4.95 -0.41
CA GLY A 90 15.43 -6.05 0.23
C GLY A 90 15.01 -7.09 -0.79
N ALA A 91 14.58 -6.62 -1.97
CA ALA A 91 14.06 -7.52 -2.98
C ALA A 91 15.21 -8.33 -3.57
N ILE A 92 16.41 -7.74 -3.61
CA ILE A 92 17.55 -8.51 -4.13
C ILE A 92 17.96 -9.55 -3.08
N GLN A 93 18.03 -9.08 -1.83
CA GLN A 93 18.51 -9.93 -0.74
C GLN A 93 17.62 -11.12 -0.45
N VAL A 94 16.30 -10.98 -0.58
CA VAL A 94 15.45 -12.14 -0.34
C VAL A 94 15.10 -12.84 -1.68
N SER A 95 15.71 -12.35 -2.79
CA SER A 95 15.47 -12.86 -4.14
C SER A 95 14.02 -12.91 -4.51
N ALA A 96 13.34 -11.79 -4.39
CA ALA A 96 11.91 -11.74 -4.67
C ALA A 96 11.67 -11.79 -6.18
N VAL A 97 11.57 -13.01 -6.71
CA VAL A 97 11.31 -13.26 -8.14
C VAL A 97 10.23 -12.37 -8.82
N PRO A 98 9.02 -12.32 -8.24
CA PRO A 98 7.94 -11.56 -8.93
C PRO A 98 8.22 -10.07 -8.99
N VAL A 99 8.93 -9.48 -8.02
CA VAL A 99 9.33 -8.07 -8.24
C VAL A 99 10.10 -7.88 -9.54
N PHE A 100 11.10 -8.75 -9.74
CA PHE A 100 11.97 -8.65 -10.88
C PHE A 100 11.36 -9.12 -12.19
N GLN A 101 10.37 -10.02 -12.09
CA GLN A 101 9.57 -10.38 -13.27
C GLN A 101 8.83 -9.17 -13.80
N GLN A 102 8.24 -8.36 -12.92
CA GLN A 102 7.58 -7.12 -13.36
C GLN A 102 8.58 -6.05 -13.84
N ILE A 103 9.74 -5.95 -13.17
CA ILE A 103 10.79 -5.09 -13.71
C ILE A 103 11.15 -5.51 -15.16
N ALA A 104 11.39 -6.79 -15.37
CA ALA A 104 11.77 -7.28 -16.72
C ALA A 104 10.69 -6.92 -17.79
N ARG A 105 9.42 -7.16 -17.45
CA ARG A 105 8.28 -6.74 -18.31
C ARG A 105 8.28 -5.28 -18.67
N GLU A 106 8.50 -4.42 -17.68
CA GLU A 106 8.58 -2.99 -18.01
C GLU A 106 9.83 -2.60 -18.79
N VAL A 107 10.97 -3.24 -18.50
CA VAL A 107 12.11 -3.05 -19.37
C VAL A 107 11.81 -3.43 -20.84
N GLY A 108 11.28 -4.62 -21.10
CA GLY A 108 10.94 -4.92 -22.46
C GLY A 108 12.07 -5.64 -23.15
N GLU A 109 11.70 -6.53 -24.07
CA GLU A 109 12.66 -7.31 -24.78
C GLU A 109 13.71 -6.48 -25.56
N VAL A 110 13.30 -5.40 -26.22
CA VAL A 110 14.30 -4.60 -26.94
C VAL A 110 15.41 -4.01 -26.03
N ARG A 111 15.01 -3.33 -24.98
CA ARG A 111 15.97 -2.76 -24.06
C ARG A 111 16.79 -3.84 -23.30
N MET A 112 16.21 -4.99 -23.00
CA MET A 112 16.89 -6.02 -22.18
C MET A 112 18.02 -6.57 -23.05
N GLN A 113 17.66 -6.82 -24.31
CA GLN A 113 18.61 -7.34 -25.28
C GLN A 113 19.76 -6.35 -25.43
N LYS A 114 19.41 -5.08 -25.61
CA LYS A 114 20.45 -4.05 -25.76
C LYS A 114 21.43 -4.10 -24.61
N TYR A 115 20.89 -4.14 -23.39
CA TYR A 115 21.78 -4.04 -22.22
C TYR A 115 22.64 -5.26 -22.02
N LEU A 116 22.11 -6.42 -22.37
CA LEU A 116 22.89 -7.64 -22.14
C LEU A 116 24.02 -7.72 -23.18
N LYS A 117 23.80 -7.05 -24.32
CA LYS A 117 24.88 -6.88 -25.27
C LYS A 117 25.92 -5.97 -24.69
N LYS A 118 25.52 -4.84 -24.13
CA LYS A 118 26.51 -3.96 -23.56
C LYS A 118 27.29 -4.66 -22.47
N PHE A 119 26.60 -5.48 -21.68
CA PHE A 119 27.18 -6.15 -20.52
C PHE A 119 28.01 -7.40 -20.85
N SER A 120 28.01 -7.82 -22.13
CA SER A 120 28.55 -9.10 -22.52
C SER A 120 28.08 -10.21 -21.60
N TYR A 121 26.77 -10.38 -21.50
CA TYR A 121 26.18 -11.25 -20.51
C TYR A 121 25.85 -12.63 -21.05
N GLY A 122 26.82 -13.53 -20.93
CA GLY A 122 26.61 -14.91 -21.27
C GLY A 122 26.25 -15.07 -22.72
N ASN A 123 25.40 -16.04 -23.03
CA ASN A 123 25.00 -16.24 -24.41
C ASN A 123 24.02 -15.16 -24.91
N GLN A 124 23.62 -14.23 -24.03
CA GLN A 124 22.71 -13.14 -24.42
C GLN A 124 21.37 -13.55 -25.09
N ASN A 125 20.88 -14.74 -24.76
CA ASN A 125 19.69 -15.31 -25.39
C ASN A 125 18.53 -15.19 -24.41
N ILE A 126 17.62 -14.24 -24.67
CA ILE A 126 16.51 -14.03 -23.72
C ILE A 126 15.20 -14.61 -24.22
N SER A 127 15.29 -15.65 -25.05
CA SER A 127 14.05 -16.26 -25.51
C SER A 127 13.51 -17.09 -24.35
N GLY A 128 12.22 -17.42 -24.40
CA GLY A 128 11.59 -18.19 -23.34
C GLY A 128 10.59 -17.34 -22.56
N GLY A 129 10.33 -16.12 -23.05
CA GLY A 129 9.45 -15.19 -22.31
C GLY A 129 10.21 -14.14 -21.49
N ILE A 130 9.78 -12.88 -21.61
CA ILE A 130 10.46 -11.73 -21.06
C ILE A 130 10.56 -11.80 -19.54
N ASP A 131 9.66 -12.55 -18.91
CA ASP A 131 9.64 -12.59 -17.44
C ASP A 131 10.12 -13.94 -16.92
N LYS A 132 10.73 -14.73 -17.77
CA LYS A 132 11.28 -16.00 -17.28
C LYS A 132 12.51 -16.51 -18.02
N PHE A 133 13.09 -15.71 -18.91
CA PHE A 133 14.27 -16.17 -19.62
C PHE A 133 15.49 -16.62 -18.77
N TRP A 134 15.70 -15.99 -17.63
CA TRP A 134 16.83 -16.30 -16.73
C TRP A 134 16.51 -17.40 -15.72
N LEU A 135 15.26 -17.87 -15.71
CA LEU A 135 14.77 -18.84 -14.74
C LEU A 135 14.54 -20.18 -15.38
N GLU A 136 14.01 -20.17 -16.58
CA GLU A 136 13.75 -21.44 -17.22
C GLU A 136 13.90 -21.33 -18.72
N GLY A 137 14.44 -20.22 -19.20
CA GLY A 137 14.50 -19.96 -20.62
C GLY A 137 15.86 -20.35 -21.17
N GLN A 138 16.30 -19.61 -22.18
CA GLN A 138 17.52 -19.96 -22.92
C GLN A 138 18.81 -19.26 -22.43
N LEU A 139 18.70 -18.29 -21.52
CA LEU A 139 19.86 -17.55 -21.03
C LEU A 139 20.84 -18.46 -20.24
N ARG A 140 22.11 -18.35 -20.56
CA ARG A 140 23.17 -19.13 -19.93
C ARG A 140 24.35 -18.19 -19.73
N ILE A 141 25.10 -18.41 -18.64
CA ILE A 141 26.34 -17.68 -18.40
C ILE A 141 27.28 -18.63 -17.59
N SER A 142 28.59 -18.44 -17.75
CA SER A 142 29.57 -19.28 -17.04
C SER A 142 30.04 -18.55 -15.80
N ALA A 143 30.68 -19.27 -14.89
CA ALA A 143 31.36 -18.65 -13.74
C ALA A 143 32.47 -17.64 -14.10
N VAL A 144 33.32 -17.95 -15.08
CA VAL A 144 34.24 -16.94 -15.54
C VAL A 144 33.52 -15.64 -16.00
N ASN A 145 32.44 -15.78 -16.77
CA ASN A 145 31.75 -14.59 -17.29
C ASN A 145 31.18 -13.84 -16.13
N GLN A 146 30.73 -14.56 -15.10
CA GLN A 146 30.16 -13.84 -13.90
C GLN A 146 31.26 -13.01 -13.27
N VAL A 147 32.44 -13.59 -13.12
CA VAL A 147 33.52 -12.88 -12.46
C VAL A 147 33.93 -11.64 -13.31
N GLU A 148 33.97 -11.79 -14.63
CA GLU A 148 34.20 -10.63 -15.51
C GLU A 148 33.16 -9.51 -15.37
N PHE A 149 31.89 -9.90 -15.42
CA PHE A 149 30.77 -8.97 -15.12
C PHE A 149 30.91 -8.29 -13.75
N LEU A 150 31.12 -9.07 -12.69
CA LEU A 150 31.19 -8.47 -11.36
C LEU A 150 32.37 -7.51 -11.20
N GLU A 151 33.50 -7.89 -11.78
CA GLU A 151 34.67 -6.98 -11.80
C GLU A 151 34.35 -5.66 -12.50
N SER A 152 33.68 -5.69 -13.65
CA SER A 152 33.33 -4.42 -14.27
C SER A 152 32.46 -3.65 -13.31
N LEU A 153 31.48 -4.33 -12.70
CA LEU A 153 30.59 -3.59 -11.79
C LEU A 153 31.42 -2.98 -10.66
N TYR A 154 32.34 -3.77 -10.12
CA TYR A 154 33.14 -3.28 -8.98
C TYR A 154 33.86 -1.99 -9.39
N LEU A 155 34.34 -1.94 -10.62
CA LEU A 155 35.12 -0.78 -11.11
C LEU A 155 34.27 0.30 -11.72
N ASN A 156 32.95 0.10 -11.70
CA ASN A 156 32.03 1.03 -12.27
C ASN A 156 32.20 1.12 -13.76
N LYS A 157 32.61 0.04 -14.38
CA LYS A 157 32.92 0.06 -15.81
C LYS A 157 31.86 -0.50 -16.70
N LEU A 158 30.71 -0.93 -16.14
CA LEU A 158 29.60 -1.34 -17.01
C LEU A 158 29.09 -0.14 -17.78
N SER A 159 28.39 -0.35 -18.89
CA SER A 159 27.75 0.77 -19.59
C SER A 159 26.43 1.15 -18.95
N ALA A 160 26.51 1.78 -17.79
CA ALA A 160 25.34 2.31 -17.08
C ALA A 160 25.95 3.43 -16.28
N SER A 161 25.16 4.26 -15.63
CA SER A 161 25.75 5.38 -14.95
C SER A 161 26.49 4.85 -13.73
N LYS A 162 27.55 5.55 -13.32
CA LYS A 162 28.23 5.23 -12.05
C LYS A 162 27.26 5.25 -10.82
N GLU A 163 26.33 6.20 -10.74
CA GLU A 163 25.40 6.20 -9.61
C GLU A 163 24.60 4.89 -9.58
N ASN A 164 24.07 4.43 -10.72
CA ASN A 164 23.29 3.16 -10.69
C ASN A 164 24.12 1.93 -10.34
N GLN A 165 25.38 1.93 -10.77
CA GLN A 165 26.27 0.86 -10.35
C GLN A 165 26.51 0.88 -8.84
N LEU A 166 26.71 2.05 -8.27
CA LEU A 166 26.97 2.15 -6.84
C LEU A 166 25.72 1.77 -6.08
N ILE A 167 24.57 2.15 -6.60
CA ILE A 167 23.31 1.80 -5.92
C ILE A 167 23.15 0.27 -5.82
N VAL A 168 23.41 -0.43 -6.92
CA VAL A 168 23.27 -1.88 -6.89
C VAL A 168 24.38 -2.51 -6.06
N LYS A 169 25.57 -1.88 -6.05
CA LYS A 169 26.60 -2.40 -5.19
C LYS A 169 26.24 -2.38 -3.71
N GLU A 170 25.73 -1.27 -3.20
CA GLU A 170 25.34 -1.30 -1.81
C GLU A 170 24.25 -2.36 -1.56
N ALA A 171 23.31 -2.50 -2.50
CA ALA A 171 22.27 -3.51 -2.36
C ALA A 171 22.83 -4.95 -2.23
N LEU A 172 24.09 -5.17 -2.68
CA LEU A 172 24.66 -6.51 -2.68
C LEU A 172 25.47 -6.76 -1.45
N VAL A 173 25.69 -5.76 -0.59
CA VAL A 173 26.55 -6.04 0.58
C VAL A 173 25.87 -7.11 1.44
N THR A 174 26.62 -8.15 1.81
CA THR A 174 26.05 -9.17 2.68
C THR A 174 26.87 -9.36 3.95
N GLU A 175 28.07 -8.77 4.03
CA GLU A 175 28.86 -8.91 5.23
C GLU A 175 29.76 -7.67 5.36
N ALA A 176 29.69 -7.00 6.50
CA ALA A 176 30.41 -5.76 6.71
C ALA A 176 31.20 -5.78 8.03
N ALA A 177 32.52 -5.60 7.94
CA ALA A 177 33.40 -5.42 9.10
C ALA A 177 34.29 -4.25 8.82
N PRO A 178 34.97 -3.73 9.85
CA PRO A 178 35.82 -2.57 9.67
C PRO A 178 36.89 -2.79 8.57
N GLU A 179 37.33 -4.03 8.38
CA GLU A 179 38.39 -4.31 7.38
C GLU A 179 38.06 -5.50 6.46
N TYR A 180 36.77 -5.72 6.18
CA TYR A 180 36.37 -6.89 5.40
C TYR A 180 34.94 -6.67 4.97
N LEU A 181 34.71 -6.62 3.67
CA LEU A 181 33.39 -6.31 3.15
C LEU A 181 33.11 -7.35 2.06
N VAL A 182 31.94 -7.99 2.13
CA VAL A 182 31.54 -8.97 1.14
C VAL A 182 30.30 -8.48 0.38
N HIS A 183 30.36 -8.54 -0.96
CA HIS A 183 29.20 -8.31 -1.83
C HIS A 183 28.89 -9.68 -2.45
N SER A 184 27.63 -10.10 -2.46
CA SER A 184 27.38 -11.45 -3.02
C SER A 184 25.92 -11.65 -3.39
N LYS A 185 25.66 -12.63 -4.27
CA LYS A 185 24.29 -12.94 -4.69
C LYS A 185 24.16 -14.42 -4.93
N THR A 186 23.16 -15.03 -4.32
CA THR A 186 22.87 -16.43 -4.62
C THR A 186 21.93 -16.61 -5.80
N GLY A 187 21.90 -17.85 -6.33
CA GLY A 187 20.96 -18.21 -7.41
C GLY A 187 20.60 -19.66 -7.22
N PHE A 188 19.38 -20.05 -7.60
CA PHE A 188 18.91 -21.46 -7.54
C PHE A 188 17.79 -21.62 -8.56
N SER A 189 18.02 -22.44 -9.59
CA SER A 189 17.03 -22.57 -10.66
C SER A 189 15.96 -23.56 -10.30
N GLY A 190 16.16 -24.37 -9.27
CA GLY A 190 15.23 -25.45 -8.98
C GLY A 190 15.96 -26.77 -8.94
N VAL A 191 15.25 -27.88 -8.68
CA VAL A 191 15.92 -29.21 -8.58
C VAL A 191 15.92 -29.99 -9.89
N GLY A 192 15.31 -29.43 -10.92
CA GLY A 192 15.24 -30.13 -12.21
C GLY A 192 14.79 -31.58 -12.06
N THR A 193 15.48 -32.48 -12.75
CA THR A 193 15.33 -33.93 -12.56
C THR A 193 16.70 -34.51 -12.27
N GLU A 194 16.77 -35.76 -11.79
CA GLU A 194 18.07 -36.45 -11.59
C GLU A 194 18.91 -36.46 -12.89
N SER A 195 18.25 -36.66 -14.03
CA SER A 195 18.89 -36.62 -15.37
C SER A 195 19.31 -35.24 -15.84
N ASN A 196 18.49 -34.24 -15.51
CA ASN A 196 18.77 -32.85 -15.84
C ASN A 196 18.62 -31.99 -14.61
N PRO A 197 19.66 -31.95 -13.78
CA PRO A 197 19.55 -31.25 -12.51
C PRO A 197 19.46 -29.73 -12.68
N GLY A 198 19.06 -29.07 -11.60
CA GLY A 198 19.03 -27.63 -11.58
C GLY A 198 20.45 -27.11 -11.39
N VAL A 199 20.56 -25.80 -11.21
CA VAL A 199 21.83 -25.18 -10.90
C VAL A 199 21.67 -24.24 -9.71
N ALA A 200 22.68 -24.20 -8.85
CA ALA A 200 22.72 -23.23 -7.78
C ALA A 200 23.99 -22.43 -7.91
N TRP A 201 23.97 -21.18 -7.45
CA TRP A 201 25.13 -20.30 -7.58
C TRP A 201 25.38 -19.56 -6.31
N TRP A 202 26.61 -19.10 -6.15
CA TRP A 202 26.93 -17.97 -5.29
C TRP A 202 28.02 -17.17 -6.00
N VAL A 203 27.81 -15.87 -6.18
CA VAL A 203 28.81 -15.07 -6.91
C VAL A 203 28.97 -13.79 -6.13
N GLY A 204 30.13 -13.17 -6.25
CA GLY A 204 30.32 -11.85 -5.65
C GLY A 204 31.81 -11.50 -5.54
N TRP A 205 32.16 -10.66 -4.57
CA TRP A 205 33.56 -10.29 -4.36
C TRP A 205 33.80 -9.89 -2.91
N VAL A 206 35.06 -10.06 -2.50
CA VAL A 206 35.46 -9.81 -1.11
C VAL A 206 36.53 -8.72 -1.14
N GLU A 207 36.36 -7.69 -0.34
CA GLU A 207 37.37 -6.66 -0.16
C GLU A 207 38.00 -6.87 1.21
N LYS A 208 39.31 -7.09 1.24
CA LYS A 208 39.98 -7.34 2.51
C LYS A 208 41.22 -6.46 2.54
N GLU A 209 41.30 -5.57 3.53
CA GLU A 209 42.37 -4.60 3.56
C GLU A 209 42.38 -3.90 2.23
N THR A 210 43.50 -3.86 1.54
CA THR A 210 43.47 -3.20 0.24
C THR A 210 43.43 -4.15 -0.93
N GLU A 211 43.05 -5.41 -0.69
CA GLU A 211 42.94 -6.35 -1.79
C GLU A 211 41.46 -6.64 -2.16
N VAL A 212 41.24 -7.15 -3.37
CA VAL A 212 39.90 -7.59 -3.80
C VAL A 212 40.02 -9.00 -4.41
N TYR A 213 39.01 -9.83 -4.16
CA TYR A 213 38.94 -11.16 -4.71
C TYR A 213 37.56 -11.33 -5.32
N PHE A 214 37.51 -11.68 -6.59
CA PHE A 214 36.22 -11.99 -7.25
C PHE A 214 35.96 -13.51 -7.26
N PHE A 215 34.71 -13.94 -7.06
CA PHE A 215 34.45 -15.37 -7.04
C PHE A 215 33.14 -15.70 -7.69
N ALA A 216 33.08 -16.89 -8.27
CA ALA A 216 31.82 -17.37 -8.81
C ALA A 216 31.78 -18.86 -8.60
N PHE A 217 30.70 -19.34 -8.01
CA PHE A 217 30.48 -20.75 -7.78
C PHE A 217 29.18 -21.22 -8.40
N ASN A 218 29.21 -22.38 -9.03
CA ASN A 218 27.94 -23.06 -9.40
C ASN A 218 28.04 -24.56 -9.21
N MET A 219 26.91 -25.22 -9.10
CA MET A 219 26.93 -26.67 -8.90
C MET A 219 25.61 -27.22 -9.42
N ASP A 220 25.59 -28.48 -9.81
CA ASP A 220 24.36 -29.17 -10.17
C ASP A 220 23.62 -29.53 -8.90
N ILE A 221 22.30 -29.38 -8.89
CA ILE A 221 21.52 -29.65 -7.66
C ILE A 221 20.23 -30.36 -8.08
N ASP A 222 19.96 -31.52 -7.48
CA ASP A 222 18.70 -32.23 -7.75
C ASP A 222 17.93 -32.42 -6.43
N ASN A 223 18.44 -31.80 -5.36
CA ASN A 223 17.87 -31.95 -4.03
C ASN A 223 18.03 -30.67 -3.22
N GLU A 224 16.93 -30.05 -2.79
CA GLU A 224 17.02 -28.74 -2.14
C GLU A 224 17.84 -28.77 -0.86
N SER A 225 17.98 -29.95 -0.27
CA SER A 225 18.66 -30.02 0.99
C SER A 225 20.16 -29.73 0.81
N LYS A 226 20.63 -29.78 -0.43
CA LYS A 226 22.05 -29.53 -0.75
C LYS A 226 22.35 -28.06 -0.98
N LEU A 227 21.31 -27.25 -0.96
CA LEU A 227 21.41 -25.85 -1.26
C LEU A 227 22.52 -25.03 -0.54
N PRO A 228 22.69 -25.21 0.80
CA PRO A 228 23.72 -24.46 1.54
C PRO A 228 25.15 -24.66 1.02
N LEU A 229 25.40 -25.75 0.30
CA LEU A 229 26.75 -26.04 -0.15
C LEU A 229 27.16 -24.89 -1.09
N ARG A 230 26.20 -24.21 -1.68
CA ARG A 230 26.57 -23.14 -2.65
C ARG A 230 27.32 -22.01 -1.97
N LYS A 231 27.18 -21.87 -0.65
CA LYS A 231 27.97 -20.93 0.13
C LYS A 231 29.06 -21.61 0.93
N SER A 232 28.78 -22.80 1.45
CA SER A 232 29.75 -23.41 2.37
C SER A 232 31.02 -23.93 1.68
N ILE A 233 30.85 -24.49 0.49
CA ILE A 233 32.02 -24.93 -0.26
C ILE A 233 32.94 -23.74 -0.64
N PRO A 234 32.41 -22.71 -1.30
CA PRO A 234 33.24 -21.53 -1.56
C PRO A 234 33.77 -20.89 -0.28
N THR A 235 32.97 -20.84 0.77
CA THR A 235 33.48 -20.30 2.04
C THR A 235 34.68 -21.06 2.63
N LYS A 236 34.63 -22.39 2.60
CA LYS A 236 35.73 -23.20 3.10
C LYS A 236 36.94 -23.04 2.20
N ILE A 237 36.73 -23.00 0.89
CA ILE A 237 37.86 -22.75 0.00
C ILE A 237 38.50 -21.38 0.32
N MET A 238 37.71 -20.34 0.45
CA MET A 238 38.29 -19.02 0.66
C MET A 238 38.95 -18.93 2.04
N GLU A 239 38.38 -19.63 3.02
CA GLU A 239 39.00 -19.72 4.36
C GLU A 239 40.39 -20.38 4.24
N SER A 240 40.50 -21.44 3.47
CA SER A 240 41.78 -22.13 3.32
C SER A 240 42.81 -21.29 2.56
N GLU A 241 42.32 -20.37 1.73
CA GLU A 241 43.19 -19.36 1.11
C GLU A 241 43.53 -18.18 2.04
N GLY A 242 43.03 -18.18 3.26
CA GLY A 242 43.25 -17.05 4.15
C GLY A 242 42.42 -15.81 3.84
N ILE A 243 41.47 -15.93 2.93
CA ILE A 243 40.75 -14.74 2.52
C ILE A 243 39.64 -14.45 3.50
N ILE A 244 39.05 -15.53 3.99
CA ILE A 244 37.96 -15.41 4.94
C ILE A 244 38.51 -15.69 6.31
N GLY A 245 38.39 -14.71 7.19
CA GLY A 245 38.09 -13.33 6.78
C GLY A 245 37.04 -12.62 7.60
N SER B 1 -28.67 13.53 24.24
CA SER B 1 -28.30 14.93 24.66
C SER B 1 -27.94 15.81 23.46
N ILE B 2 -28.29 17.10 23.56
CA ILE B 2 -28.12 18.02 22.44
C ILE B 2 -27.59 19.39 22.83
N THR B 3 -26.62 19.83 22.08
CA THR B 3 -25.80 20.95 22.41
C THR B 3 -25.92 21.96 21.26
N GLU B 4 -25.66 23.24 21.56
CA GLU B 4 -25.74 24.30 20.57
C GLU B 4 -24.35 24.81 20.27
N ASN B 5 -24.04 24.84 18.97
CA ASN B 5 -22.76 25.24 18.41
C ASN B 5 -23.02 26.48 17.57
N THR B 6 -22.70 27.66 18.07
CA THR B 6 -23.15 28.84 17.34
C THR B 6 -22.17 29.21 16.25
N SER B 7 -21.00 28.59 16.23
CA SER B 7 -20.08 28.81 15.15
C SER B 7 -20.67 28.36 13.79
N TRP B 8 -21.49 27.33 13.79
CA TRP B 8 -22.09 26.87 12.53
C TRP B 8 -22.89 27.99 11.87
N ASN B 9 -23.32 28.94 12.68
CA ASN B 9 -24.09 30.05 12.17
C ASN B 9 -23.38 30.80 11.06
N LYS B 10 -22.05 30.72 11.05
CA LYS B 10 -21.25 31.40 10.05
C LYS B 10 -21.69 30.96 8.66
N GLU B 11 -21.85 29.66 8.51
CA GLU B 11 -22.28 29.10 7.23
C GLU B 11 -23.61 29.66 6.76
N PHE B 12 -24.50 29.99 7.69
CA PHE B 12 -25.84 30.51 7.34
C PHE B 12 -25.77 31.99 6.98
N SER B 13 -24.91 32.72 7.66
CA SER B 13 -24.87 34.17 7.56
C SER B 13 -24.47 34.71 6.18
N ALA B 14 -23.58 34.03 5.50
CA ALA B 14 -23.27 34.37 4.12
C ALA B 14 -24.53 34.64 3.25
N GLU B 15 -25.53 33.76 3.33
CA GLU B 15 -26.66 33.93 2.43
C GLU B 15 -27.85 34.42 3.19
N ALA B 16 -27.60 34.92 4.40
CA ALA B 16 -28.70 35.36 5.22
C ALA B 16 -29.80 34.29 5.17
N VAL B 17 -29.43 33.05 5.47
CA VAL B 17 -30.41 31.98 5.57
C VAL B 17 -30.93 31.86 7.00
N ASN B 18 -32.25 31.81 7.14
CA ASN B 18 -32.85 31.36 8.40
C ASN B 18 -33.13 29.84 8.36
N GLY B 19 -32.42 29.05 9.17
CA GLY B 19 -32.65 27.58 9.15
C GLY B 19 -31.90 26.94 10.31
N VAL B 20 -31.96 25.61 10.37
CA VAL B 20 -31.29 24.89 11.43
C VAL B 20 -30.65 23.66 10.81
N PHE B 21 -29.49 23.28 11.35
CA PHE B 21 -28.85 22.00 11.09
C PHE B 21 -28.73 21.23 12.40
N VAL B 22 -29.14 19.97 12.37
CA VAL B 22 -28.97 19.09 13.54
C VAL B 22 -28.04 17.96 13.06
N LEU B 23 -26.98 17.68 13.79
CA LEU B 23 -26.01 16.63 13.40
C LEU B 23 -25.70 15.73 14.60
N CYS B 24 -25.83 14.41 14.46
CA CYS B 24 -25.74 13.50 15.62
C CYS B 24 -24.70 12.44 15.28
N LYS B 25 -23.69 12.29 16.14
CA LYS B 25 -22.69 11.25 15.93
C LYS B 25 -23.08 9.98 16.63
N SER B 26 -23.08 8.88 15.88
N SER B 26 -23.13 8.90 15.86
CA SER B 26 -23.35 7.58 16.48
CA SER B 26 -23.32 7.59 16.43
C SER B 26 -24.81 7.33 16.78
C SER B 26 -24.75 7.29 16.89
N SER B 27 -25.45 8.25 17.51
CA SER B 27 -26.86 8.08 17.84
C SER B 27 -27.51 9.41 18.13
N SER B 28 -28.83 9.43 18.22
CA SER B 28 -29.53 10.65 18.59
C SER B 28 -29.31 11.08 20.04
N LYS B 29 -28.38 10.44 20.76
CA LYS B 29 -28.04 10.83 22.13
C LYS B 29 -26.91 11.84 22.18
N SER B 30 -26.33 12.10 21.02
N SER B 30 -26.28 12.07 21.03
CA SER B 30 -25.16 12.93 20.94
CA SER B 30 -25.20 13.02 21.00
C SER B 30 -25.26 13.80 19.68
C SER B 30 -25.30 13.79 19.71
N CYS B 31 -26.01 14.90 19.79
CA CYS B 31 -26.29 15.79 18.68
C CYS B 31 -25.83 17.20 18.99
N ALA B 32 -25.63 17.98 17.93
CA ALA B 32 -25.33 19.40 18.06
C ALA B 32 -26.16 20.11 16.99
N THR B 33 -26.44 21.39 17.21
CA THR B 33 -27.22 22.15 16.28
C THR B 33 -26.79 23.59 16.35
N ASN B 34 -27.05 24.36 15.30
CA ASN B 34 -26.74 25.76 15.37
C ASN B 34 -27.84 26.47 16.15
N ASP B 35 -29.03 25.89 16.27
CA ASP B 35 -30.16 26.66 16.81
C ASP B 35 -31.14 25.74 17.53
N LEU B 36 -30.97 25.62 18.85
CA LEU B 36 -31.83 24.73 19.64
C LEU B 36 -33.29 25.08 19.58
N ALA B 37 -33.60 26.36 19.46
CA ALA B 37 -35.00 26.72 19.37
C ALA B 37 -35.58 26.19 18.07
N ARG B 38 -34.85 26.32 16.96
CA ARG B 38 -35.48 25.95 15.70
C ARG B 38 -35.39 24.44 15.48
N ALA B 39 -34.40 23.80 16.13
CA ALA B 39 -34.25 22.33 16.03
C ALA B 39 -35.52 21.53 16.31
N SER B 40 -36.36 21.95 17.27
CA SER B 40 -37.57 21.17 17.44
C SER B 40 -38.79 21.86 16.90
N LYS B 41 -38.61 22.96 16.15
CA LYS B 41 -39.78 23.57 15.54
C LYS B 41 -40.23 22.68 14.37
N GLU B 42 -41.55 22.55 14.18
CA GLU B 42 -42.12 21.61 13.22
C GLU B 42 -42.57 22.28 11.92
N TYR B 43 -42.14 21.70 10.78
CA TYR B 43 -42.47 22.23 9.45
C TYR B 43 -43.11 21.13 8.57
N LEU B 44 -43.77 21.54 7.50
CA LEU B 44 -44.21 20.60 6.50
C LEU B 44 -43.00 19.78 6.03
N PRO B 45 -43.15 18.48 5.87
CA PRO B 45 -41.98 17.67 5.45
C PRO B 45 -41.76 17.72 3.96
N ALA B 46 -42.77 18.16 3.22
CA ALA B 46 -42.76 18.13 1.75
C ALA B 46 -42.16 16.80 1.29
N SER B 47 -41.21 16.80 0.36
N SER B 47 -41.26 16.66 0.05
CA SER B 47 -40.75 15.51 -0.17
CA SER B 47 -40.83 15.34 -0.47
C SER B 47 -39.91 14.61 0.76
C SER B 47 -39.96 14.61 0.54
N THR B 48 -39.50 15.12 1.92
CA THR B 48 -38.95 14.18 2.93
C THR B 48 -39.94 13.09 3.31
N PHE B 49 -41.23 13.35 3.09
CA PHE B 49 -42.27 12.39 3.46
C PHE B 49 -42.28 11.17 2.54
N KCX B 50 -41.61 11.26 1.39
CA KCX B 50 -41.47 10.06 0.58
CB KCX B 50 -40.76 10.34 -0.76
CG KCX B 50 -41.54 11.35 -1.63
CD KCX B 50 -40.99 11.53 -3.04
CE KCX B 50 -41.98 12.32 -3.94
NZ KCX B 50 -42.22 13.66 -3.40
C KCX B 50 -40.83 8.89 1.32
O KCX B 50 -41.08 7.73 0.95
CX KCX B 50 -43.37 13.95 -2.71
OQ1 KCX B 50 -44.28 13.12 -2.56
OQ2 KCX B 50 -43.51 15.09 -2.27
N ILE B 51 -40.06 9.15 2.36
CA ILE B 51 -39.40 8.05 3.07
C ILE B 51 -40.44 7.22 3.83
N PRO B 52 -41.18 7.83 4.78
CA PRO B 52 -42.20 7.00 5.40
C PRO B 52 -43.23 6.50 4.42
N ASN B 53 -43.62 7.34 3.44
CA ASN B 53 -44.68 6.95 2.48
C ASN B 53 -44.23 5.68 1.73
N ALA B 54 -42.97 5.63 1.29
CA ALA B 54 -42.50 4.46 0.60
C ALA B 54 -42.54 3.21 1.50
N ILE B 55 -42.11 3.35 2.75
CA ILE B 55 -42.15 2.22 3.66
C ILE B 55 -43.61 1.76 3.84
N ILE B 56 -44.50 2.74 4.03
CA ILE B 56 -45.93 2.43 4.19
C ILE B 56 -46.52 1.77 2.97
N GLY B 57 -46.18 2.26 1.80
CA GLY B 57 -46.61 1.61 0.56
C GLY B 57 -46.16 0.14 0.50
N LEU B 58 -44.92 -0.15 0.89
CA LEU B 58 -44.45 -1.53 0.88
C LEU B 58 -45.16 -2.36 1.92
N GLU B 59 -45.25 -1.84 3.13
CA GLU B 59 -45.87 -2.58 4.26
C GLU B 59 -47.30 -2.97 3.96
N THR B 60 -48.02 -2.04 3.35
CA THR B 60 -49.41 -2.29 3.04
C THR B 60 -49.58 -3.16 1.83
N GLY B 61 -48.51 -3.46 1.11
CA GLY B 61 -48.62 -4.05 -0.21
C GLY B 61 -49.12 -3.15 -1.36
N VAL B 62 -49.34 -1.88 -1.12
CA VAL B 62 -49.71 -0.99 -2.24
C VAL B 62 -48.56 -0.91 -3.26
N ILE B 63 -47.33 -0.90 -2.75
CA ILE B 63 -46.15 -1.10 -3.60
C ILE B 63 -45.83 -2.60 -3.53
N LYS B 64 -45.84 -3.27 -4.67
CA LYS B 64 -45.91 -4.72 -4.66
C LYS B 64 -44.61 -5.30 -4.19
N ASN B 65 -43.50 -4.74 -4.69
CA ASN B 65 -42.19 -5.09 -4.19
C ASN B 65 -41.13 -4.09 -4.66
N GLU B 66 -39.87 -4.40 -4.36
CA GLU B 66 -38.77 -3.47 -4.54
C GLU B 66 -38.61 -3.19 -6.03
N HIS B 67 -39.10 -4.07 -6.89
CA HIS B 67 -38.85 -3.92 -8.32
C HIS B 67 -40.05 -3.39 -9.08
N GLN B 68 -41.05 -2.93 -8.35
CA GLN B 68 -42.22 -2.34 -9.00
C GLN B 68 -41.84 -1.10 -9.83
N VAL B 69 -42.39 -1.03 -11.04
CA VAL B 69 -42.14 0.09 -11.94
C VAL B 69 -43.41 0.93 -11.97
N PHE B 70 -43.29 2.25 -11.82
CA PHE B 70 -44.45 3.12 -11.80
C PHE B 70 -44.50 3.74 -13.21
N LYS B 71 -45.45 3.27 -14.01
CA LYS B 71 -45.47 3.65 -15.43
C LYS B 71 -46.07 5.03 -15.63
N TRP B 72 -45.51 5.78 -16.59
CA TRP B 72 -45.98 7.11 -16.93
C TRP B 72 -47.10 6.93 -17.94
N ASP B 73 -48.25 7.55 -17.68
CA ASP B 73 -49.43 7.35 -18.56
C ASP B 73 -49.38 8.22 -19.82
N GLY B 74 -48.29 8.97 -19.99
CA GLY B 74 -48.17 9.84 -21.14
C GLY B 74 -48.82 11.20 -20.91
N LYS B 75 -49.39 11.43 -19.73
CA LYS B 75 -50.12 12.69 -19.51
C LYS B 75 -49.23 13.72 -18.87
N PRO B 76 -49.56 15.00 -19.07
CA PRO B 76 -48.65 16.04 -18.60
C PRO B 76 -48.36 15.93 -17.09
N ARG B 77 -47.11 16.12 -16.68
CA ARG B 77 -46.80 16.18 -15.27
C ARG B 77 -46.10 17.51 -15.03
N ALA B 78 -46.07 17.95 -13.78
CA ALA B 78 -45.57 19.28 -13.45
C ALA B 78 -44.06 19.40 -13.64
N MET B 79 -43.36 18.30 -13.84
CA MET B 79 -41.93 18.41 -14.10
C MET B 79 -41.55 17.42 -15.14
N LYS B 80 -40.74 17.86 -16.10
CA LYS B 80 -40.25 17.03 -17.16
C LYS B 80 -39.54 15.79 -16.65
N GLN B 81 -38.83 15.88 -15.54
CA GLN B 81 -38.10 14.68 -15.11
C GLN B 81 -39.05 13.62 -14.61
N TRP B 82 -40.34 13.95 -14.42
CA TRP B 82 -41.28 12.95 -13.94
C TRP B 82 -42.00 12.28 -15.09
N GLU B 83 -41.76 12.74 -16.32
CA GLU B 83 -42.52 12.23 -17.45
C GLU B 83 -41.82 11.03 -18.06
N ARG B 84 -41.77 9.93 -17.31
CA ARG B 84 -41.11 8.71 -17.77
C ARG B 84 -41.42 7.62 -16.77
N ASP B 85 -41.15 6.35 -17.11
CA ASP B 85 -41.42 5.28 -16.12
C ASP B 85 -40.34 5.38 -15.11
N LEU B 86 -40.62 5.00 -13.85
CA LEU B 86 -39.67 5.18 -12.77
C LEU B 86 -39.72 3.94 -11.88
N THR B 87 -38.56 3.51 -11.40
CA THR B 87 -38.50 2.53 -10.29
C THR B 87 -38.86 3.18 -8.97
N LEU B 88 -38.97 2.39 -7.88
CA LEU B 88 -39.19 2.99 -6.60
C LEU B 88 -38.07 3.97 -6.27
N ARG B 89 -36.85 3.53 -6.46
CA ARG B 89 -35.72 4.40 -6.12
C ARG B 89 -35.73 5.62 -7.06
N GLY B 90 -36.00 5.39 -8.33
CA GLY B 90 -36.03 6.56 -9.25
C GLY B 90 -37.09 7.59 -8.84
N ALA B 91 -38.26 7.10 -8.47
CA ALA B 91 -39.34 7.98 -8.02
C ALA B 91 -38.97 8.79 -6.74
N ILE B 92 -38.29 8.16 -5.79
CA ILE B 92 -37.83 8.92 -4.62
C ILE B 92 -36.78 9.94 -5.02
N GLN B 93 -35.77 9.47 -5.75
CA GLN B 93 -34.64 10.31 -6.11
C GLN B 93 -35.01 11.53 -6.96
N VAL B 94 -35.99 11.43 -7.83
CA VAL B 94 -36.36 12.62 -8.62
C VAL B 94 -37.58 13.28 -7.95
N SER B 95 -37.98 12.79 -6.76
CA SER B 95 -39.09 13.36 -6.01
C SER B 95 -40.37 13.49 -6.83
N ALA B 96 -40.78 12.39 -7.45
CA ALA B 96 -41.92 12.33 -8.30
C ALA B 96 -43.24 12.39 -7.47
N VAL B 97 -43.68 13.59 -7.12
CA VAL B 97 -44.90 13.78 -6.36
C VAL B 97 -46.13 12.92 -6.80
N PRO B 98 -46.49 12.94 -8.10
CA PRO B 98 -47.74 12.27 -8.48
C PRO B 98 -47.68 10.75 -8.26
N VAL B 99 -46.48 10.17 -8.29
CA VAL B 99 -46.36 8.72 -8.02
C VAL B 99 -46.75 8.48 -6.58
N PHE B 100 -46.28 9.35 -5.68
CA PHE B 100 -46.51 9.17 -4.27
C PHE B 100 -47.90 9.67 -3.81
N GLN B 101 -48.43 10.59 -4.56
CA GLN B 101 -49.84 10.96 -4.34
C GLN B 101 -50.74 9.78 -4.57
N GLN B 102 -50.54 9.04 -5.64
CA GLN B 102 -51.35 7.87 -5.92
C GLN B 102 -51.08 6.74 -4.90
N ILE B 103 -49.84 6.56 -4.48
CA ILE B 103 -49.58 5.63 -3.40
C ILE B 103 -50.37 6.00 -2.16
N ALA B 104 -50.33 7.25 -1.74
CA ALA B 104 -51.03 7.65 -0.53
C ALA B 104 -52.53 7.41 -0.63
N ARG B 105 -53.10 7.61 -1.81
CA ARG B 105 -54.56 7.35 -2.04
C ARG B 105 -54.95 5.89 -1.76
N GLU B 106 -54.10 4.99 -2.24
CA GLU B 106 -54.28 3.58 -2.11
C GLU B 106 -53.96 3.15 -0.70
N VAL B 107 -52.98 3.74 -0.04
CA VAL B 107 -52.80 3.41 1.35
C VAL B 107 -54.07 3.80 2.12
N GLY B 108 -54.50 5.06 1.96
CA GLY B 108 -55.73 5.55 2.63
C GLY B 108 -55.49 6.11 4.01
N GLU B 109 -56.47 6.88 4.49
CA GLU B 109 -56.30 7.66 5.69
C GLU B 109 -56.11 6.79 6.93
N VAL B 110 -56.87 5.71 7.02
CA VAL B 110 -56.88 4.93 8.23
C VAL B 110 -55.52 4.24 8.38
N ARG B 111 -55.09 3.50 7.36
CA ARG B 111 -53.75 2.91 7.41
C ARG B 111 -52.62 3.96 7.58
N MET B 112 -52.71 5.09 6.87
CA MET B 112 -51.65 6.11 6.95
C MET B 112 -51.54 6.65 8.37
N GLN B 113 -52.70 6.99 8.95
CA GLN B 113 -52.72 7.52 10.28
C GLN B 113 -52.10 6.51 11.25
N LYS B 114 -52.39 5.23 11.03
CA LYS B 114 -51.88 4.17 11.86
C LYS B 114 -50.35 4.03 11.78
N TYR B 115 -49.79 4.02 10.57
CA TYR B 115 -48.32 3.95 10.50
C TYR B 115 -47.64 5.22 11.03
N LEU B 116 -48.26 6.37 10.83
CA LEU B 116 -47.58 7.59 11.31
C LEU B 116 -47.53 7.62 12.85
N LYS B 117 -48.51 6.99 13.50
CA LYS B 117 -48.41 6.84 14.95
C LYS B 117 -47.31 5.85 15.32
N LYS B 118 -47.29 4.71 14.65
CA LYS B 118 -46.23 3.75 14.93
C LYS B 118 -44.88 4.40 14.78
N PHE B 119 -44.76 5.30 13.80
CA PHE B 119 -43.46 5.87 13.46
C PHE B 119 -43.19 7.09 14.27
N SER B 120 -44.15 7.53 15.09
CA SER B 120 -43.97 8.81 15.82
C SER B 120 -43.50 9.95 14.89
N TYR B 121 -44.21 10.11 13.82
CA TYR B 121 -43.80 11.04 12.78
C TYR B 121 -44.51 12.37 12.98
N GLY B 122 -43.80 13.30 13.60
CA GLY B 122 -44.19 14.71 13.64
C GLY B 122 -45.49 14.90 14.43
N ASN B 123 -46.31 15.87 14.05
CA ASN B 123 -47.56 16.05 14.78
C ASN B 123 -48.61 15.01 14.35
N GLN B 124 -48.25 14.10 13.44
CA GLN B 124 -49.19 13.02 13.04
C GLN B 124 -50.53 13.51 12.50
N ASN B 125 -50.59 14.79 12.11
CA ASN B 125 -51.83 15.36 11.58
C ASN B 125 -51.89 15.22 10.05
N ILE B 126 -52.70 14.29 9.54
CA ILE B 126 -52.78 14.10 8.09
C ILE B 126 -54.00 14.80 7.44
N SER B 127 -54.57 15.77 8.13
N SER B 127 -54.51 15.81 8.14
CA SER B 127 -55.71 16.48 7.55
CA SER B 127 -55.59 16.64 7.60
C SER B 127 -55.22 17.45 6.45
C SER B 127 -55.14 17.38 6.34
N GLY B 128 -56.09 17.68 5.46
CA GLY B 128 -55.76 18.51 4.29
C GLY B 128 -55.92 17.78 2.95
N GLY B 129 -56.37 16.53 3.03
CA GLY B 129 -56.54 15.67 1.86
C GLY B 129 -55.44 14.61 1.79
N ILE B 130 -55.81 13.40 1.41
CA ILE B 130 -54.97 12.23 1.54
C ILE B 130 -53.75 12.35 0.64
N ASP B 131 -53.87 13.17 -0.41
CA ASP B 131 -52.77 13.28 -1.37
C ASP B 131 -52.06 14.61 -1.28
N LYS B 132 -52.29 15.38 -0.22
CA LYS B 132 -51.50 16.59 -0.08
C LYS B 132 -51.19 17.01 1.30
N PHE B 133 -51.47 16.16 2.28
CA PHE B 133 -51.27 16.56 3.68
C PHE B 133 -49.81 16.90 3.99
N TRP B 134 -48.86 16.21 3.37
CA TRP B 134 -47.43 16.49 3.59
C TRP B 134 -46.89 17.70 2.79
N LEU B 135 -47.70 18.21 1.86
CA LEU B 135 -47.25 19.22 0.87
C LEU B 135 -47.85 20.56 1.17
N GLU B 136 -49.10 20.55 1.57
CA GLU B 136 -49.75 21.81 1.94
C GLU B 136 -50.78 21.65 3.02
N GLY B 137 -50.86 20.48 3.64
CA GLY B 137 -51.85 20.25 4.73
C GLY B 137 -51.30 20.56 6.09
N GLN B 138 -51.72 19.82 7.09
CA GLN B 138 -51.39 20.13 8.48
C GLN B 138 -50.23 19.32 9.05
N LEU B 139 -49.66 18.41 8.26
CA LEU B 139 -48.55 17.58 8.80
C LEU B 139 -47.34 18.43 9.05
N ARG B 140 -46.74 18.31 10.24
CA ARG B 140 -45.51 19.04 10.57
C ARG B 140 -44.50 18.08 11.29
N ILE B 141 -43.21 18.30 11.08
CA ILE B 141 -42.16 17.51 11.74
C ILE B 141 -40.92 18.41 11.96
N SER B 142 -40.17 18.15 13.03
CA SER B 142 -38.97 18.94 13.34
C SER B 142 -37.75 18.21 12.84
N ALA B 143 -36.65 18.92 12.80
CA ALA B 143 -35.35 18.35 12.43
C ALA B 143 -34.92 17.27 13.44
N VAL B 144 -35.14 17.51 14.75
CA VAL B 144 -34.83 16.48 15.74
C VAL B 144 -35.66 15.23 15.43
N ASN B 145 -36.96 15.41 15.17
CA ASN B 145 -37.81 14.25 14.90
C ASN B 145 -37.35 13.47 13.66
N GLN B 146 -36.86 14.20 12.65
CA GLN B 146 -36.32 13.60 11.43
C GLN B 146 -35.14 12.70 11.75
N VAL B 147 -34.26 13.18 12.60
CA VAL B 147 -33.03 12.46 12.99
C VAL B 147 -33.46 11.23 13.76
N GLU B 148 -34.45 11.37 14.62
CA GLU B 148 -34.88 10.20 15.39
C GLU B 148 -35.49 9.10 14.48
N PHE B 149 -36.30 9.54 13.51
CA PHE B 149 -36.98 8.64 12.56
C PHE B 149 -35.91 7.90 11.69
N LEU B 150 -34.98 8.67 11.17
CA LEU B 150 -33.91 8.15 10.33
C LEU B 150 -32.99 7.22 11.11
N GLU B 151 -32.68 7.54 12.35
CA GLU B 151 -31.91 6.60 13.14
C GLU B 151 -32.68 5.29 13.28
N SER B 152 -33.97 5.37 13.55
CA SER B 152 -34.73 4.16 13.60
C SER B 152 -34.67 3.36 12.31
N LEU B 153 -34.83 4.03 11.16
CA LEU B 153 -34.75 3.34 9.90
C LEU B 153 -33.38 2.67 9.76
N TYR B 154 -32.33 3.41 10.06
CA TYR B 154 -30.98 2.90 9.87
C TYR B 154 -30.77 1.64 10.73
N LEU B 155 -31.31 1.66 11.95
CA LEU B 155 -31.25 0.50 12.83
C LEU B 155 -32.27 -0.61 12.51
N ASN B 156 -33.07 -0.40 11.47
CA ASN B 156 -34.19 -1.30 11.20
C ASN B 156 -35.16 -1.40 12.38
N LYS B 157 -35.36 -0.32 13.11
CA LYS B 157 -36.22 -0.42 14.28
C LYS B 157 -37.62 0.11 14.13
N LEU B 158 -37.99 0.65 12.97
CA LEU B 158 -39.35 1.10 12.73
C LEU B 158 -40.29 -0.10 12.78
N SER B 159 -41.59 0.10 13.06
CA SER B 159 -42.56 -0.99 12.98
C SER B 159 -42.91 -1.29 11.54
N ALA B 160 -42.00 -2.00 10.90
CA ALA B 160 -42.19 -2.37 9.51
C ALA B 160 -41.26 -3.52 9.36
N SER B 161 -41.48 -4.37 8.38
CA SER B 161 -40.54 -5.45 8.18
C SER B 161 -39.13 -4.95 7.92
N LYS B 162 -38.15 -5.70 8.42
CA LYS B 162 -36.76 -5.34 8.12
C LYS B 162 -36.52 -5.29 6.60
N GLU B 163 -37.15 -6.18 5.81
CA GLU B 163 -36.90 -6.19 4.38
C GLU B 163 -37.32 -4.86 3.79
N ASN B 164 -38.51 -4.38 4.17
CA ASN B 164 -39.02 -3.14 3.55
C ASN B 164 -38.18 -1.91 3.95
N GLN B 165 -37.66 -1.94 5.16
CA GLN B 165 -36.76 -0.87 5.61
C GLN B 165 -35.47 -0.90 4.81
N LEU B 166 -34.99 -2.10 4.50
CA LEU B 166 -33.72 -2.27 3.76
C LEU B 166 -33.96 -1.79 2.35
N ILE B 167 -35.15 -2.10 1.84
CA ILE B 167 -35.45 -1.71 0.46
C ILE B 167 -35.46 -0.19 0.31
N VAL B 168 -36.12 0.51 1.22
CA VAL B 168 -36.11 1.95 1.21
C VAL B 168 -34.75 2.61 1.47
N LYS B 169 -33.98 2.03 2.40
CA LYS B 169 -32.62 2.47 2.60
C LYS B 169 -31.76 2.43 1.32
N GLU B 170 -31.77 1.32 0.58
CA GLU B 170 -30.93 1.36 -0.62
C GLU B 170 -31.47 2.41 -1.60
N ALA B 171 -32.78 2.62 -1.61
CA ALA B 171 -33.36 3.63 -2.49
C ALA B 171 -32.90 5.05 -2.12
N LEU B 172 -32.40 5.23 -0.90
CA LEU B 172 -31.99 6.58 -0.47
C LEU B 172 -30.51 6.81 -0.64
N VAL B 173 -29.80 5.81 -1.17
CA VAL B 173 -28.36 6.03 -1.37
C VAL B 173 -28.12 7.11 -2.40
N THR B 174 -27.31 8.12 -2.06
CA THR B 174 -27.05 9.23 -2.99
C THR B 174 -25.59 9.46 -3.25
N GLU B 175 -24.74 8.88 -2.41
CA GLU B 175 -23.35 8.93 -2.72
C GLU B 175 -22.68 7.68 -2.21
N ALA B 176 -21.85 7.07 -3.05
CA ALA B 176 -21.22 5.82 -2.65
C ALA B 176 -19.72 5.87 -2.93
N ALA B 177 -18.90 5.53 -1.94
CA ALA B 177 -17.42 5.34 -2.08
C ALA B 177 -16.99 4.13 -1.28
N PRO B 178 -15.76 3.61 -1.53
CA PRO B 178 -15.28 2.49 -0.74
C PRO B 178 -15.32 2.76 0.76
N GLU B 179 -14.98 3.98 1.20
CA GLU B 179 -15.01 4.21 2.66
C GLU B 179 -16.07 5.18 3.18
N TYR B 180 -17.04 5.52 2.32
CA TYR B 180 -17.96 6.57 2.64
C TYR B 180 -19.29 6.33 1.88
N LEU B 181 -20.42 6.39 2.61
CA LEU B 181 -21.72 6.17 1.99
C LEU B 181 -22.72 7.20 2.53
N VAL B 182 -23.46 7.86 1.62
CA VAL B 182 -24.47 8.84 2.10
C VAL B 182 -25.87 8.40 1.70
N HIS B 183 -26.83 8.48 2.61
CA HIS B 183 -28.25 8.25 2.28
C HIS B 183 -28.87 9.58 2.57
N SER B 184 -29.72 10.10 1.67
CA SER B 184 -30.31 11.43 1.90
C SER B 184 -31.56 11.66 1.02
N LYS B 185 -32.31 12.71 1.35
CA LYS B 185 -33.59 13.03 0.67
C LYS B 185 -33.81 14.53 0.91
N THR B 186 -34.08 15.29 -0.17
CA THR B 186 -34.39 16.70 -0.09
C THR B 186 -35.93 16.86 0.01
N GLY B 187 -36.36 18.04 0.40
CA GLY B 187 -37.80 18.38 0.39
C GLY B 187 -37.82 19.86 0.07
N PHE B 188 -38.91 20.32 -0.55
CA PHE B 188 -39.09 21.76 -0.81
C PHE B 188 -40.62 21.98 -0.92
N SER B 189 -41.23 22.77 -0.03
CA SER B 189 -42.70 22.90 -0.07
C SER B 189 -43.16 23.97 -1.06
N GLY B 190 -42.27 24.84 -1.51
CA GLY B 190 -42.66 25.93 -2.43
C GLY B 190 -42.05 27.19 -1.85
N VAL B 191 -42.26 28.34 -2.51
CA VAL B 191 -41.68 29.59 -2.03
C VAL B 191 -42.62 30.36 -1.09
N GLY B 192 -43.87 29.92 -0.98
CA GLY B 192 -44.84 30.57 -0.10
C GLY B 192 -44.95 32.06 -0.41
N THR B 193 -44.98 32.90 0.60
CA THR B 193 -44.78 34.32 0.36
C THR B 193 -43.56 34.83 1.09
N GLU B 194 -43.24 36.10 0.91
CA GLU B 194 -42.12 36.74 1.60
C GLU B 194 -42.36 36.70 3.11
N SER B 195 -43.58 37.00 3.53
CA SER B 195 -43.92 37.01 4.94
C SER B 195 -44.23 35.60 5.47
N ASN B 196 -44.70 34.70 4.60
CA ASN B 196 -44.95 33.31 4.99
C ASN B 196 -44.21 32.35 4.06
N PRO B 197 -42.89 32.29 4.19
CA PRO B 197 -42.05 31.53 3.24
C PRO B 197 -42.23 29.98 3.30
N GLY B 198 -41.76 29.29 2.28
CA GLY B 198 -41.88 27.84 2.25
C GLY B 198 -40.75 27.29 3.10
N VAL B 199 -40.62 25.97 3.09
CA VAL B 199 -39.52 25.35 3.79
C VAL B 199 -38.75 24.46 2.81
N ALA B 200 -37.43 24.35 2.95
CA ALA B 200 -36.62 23.39 2.17
C ALA B 200 -35.84 22.53 3.17
N TRP B 201 -35.63 21.25 2.87
CA TRP B 201 -34.99 20.32 3.79
C TRP B 201 -33.86 19.54 3.08
N TRP B 202 -32.89 19.07 3.83
CA TRP B 202 -32.11 17.95 3.39
C TRP B 202 -31.89 17.08 4.64
N VAL B 203 -32.25 15.80 4.60
CA VAL B 203 -32.06 14.91 5.76
C VAL B 203 -31.39 13.61 5.29
N GLY B 204 -30.69 12.93 6.19
CA GLY B 204 -30.15 11.62 5.82
C GLY B 204 -29.09 11.19 6.84
N TRP B 205 -28.10 10.45 6.37
CA TRP B 205 -27.06 9.99 7.28
C TRP B 205 -25.85 9.64 6.46
N VAL B 206 -24.69 9.66 7.12
CA VAL B 206 -23.43 9.48 6.44
C VAL B 206 -22.75 8.33 7.19
N GLU B 207 -22.33 7.28 6.46
CA GLU B 207 -21.52 6.23 7.09
C GLU B 207 -20.07 6.40 6.68
N LYS B 208 -19.17 6.59 7.67
CA LYS B 208 -17.78 6.87 7.42
C LYS B 208 -16.89 5.95 8.28
N GLU B 209 -15.97 5.23 7.64
CA GLU B 209 -15.27 4.19 8.37
C GLU B 209 -16.31 3.45 9.16
N THR B 210 -16.12 3.31 10.45
CA THR B 210 -17.13 2.63 11.22
C THR B 210 -18.02 3.58 12.04
N GLU B 211 -18.08 4.86 11.71
CA GLU B 211 -19.00 5.73 12.44
C GLU B 211 -20.26 6.04 11.59
N VAL B 212 -21.37 6.44 12.22
CA VAL B 212 -22.56 6.89 11.47
C VAL B 212 -22.89 8.31 12.01
N TYR B 213 -23.21 9.24 11.11
CA TYR B 213 -23.68 10.57 11.47
C TYR B 213 -25.07 10.77 10.90
N PHE B 214 -26.03 11.18 11.74
CA PHE B 214 -27.41 11.43 11.29
C PHE B 214 -27.59 12.92 11.18
N PHE B 215 -28.25 13.38 10.11
CA PHE B 215 -28.42 14.82 9.98
C PHE B 215 -29.82 15.23 9.47
N ALA B 216 -30.18 16.46 9.80
CA ALA B 216 -31.41 17.07 9.26
C ALA B 216 -31.22 18.57 9.22
N PHE B 217 -31.54 19.15 8.06
CA PHE B 217 -31.38 20.56 7.81
C PHE B 217 -32.74 21.09 7.32
N ASN B 218 -33.16 22.26 7.79
CA ASN B 218 -34.28 22.94 7.12
C ASN B 218 -34.02 24.42 7.09
N MET B 219 -34.67 25.14 6.16
CA MET B 219 -34.46 26.56 6.05
C MET B 219 -35.73 27.16 5.49
N ASP B 220 -35.95 28.44 5.83
CA ASP B 220 -37.02 29.16 5.22
C ASP B 220 -36.56 29.51 3.80
N ILE B 221 -37.49 29.42 2.85
CA ILE B 221 -37.14 29.70 1.45
C ILE B 221 -38.26 30.46 0.75
N ASP B 222 -37.91 31.58 0.14
CA ASP B 222 -38.94 32.30 -0.60
C ASP B 222 -38.59 32.54 -2.08
N ASN B 223 -37.58 31.82 -2.58
CA ASN B 223 -37.13 32.02 -3.94
C ASN B 223 -36.39 30.76 -4.34
N GLU B 224 -36.77 30.11 -5.44
CA GLU B 224 -36.14 28.82 -5.80
C GLU B 224 -34.67 28.95 -6.06
N SER B 225 -34.20 30.17 -6.29
CA SER B 225 -32.76 30.32 -6.51
C SER B 225 -31.93 29.94 -5.25
N LYS B 226 -32.59 29.89 -4.10
CA LYS B 226 -31.94 29.56 -2.83
C LYS B 226 -31.88 28.05 -2.60
N LEU B 227 -32.57 27.29 -3.46
CA LEU B 227 -32.67 25.86 -3.24
C LEU B 227 -31.35 25.15 -2.90
N PRO B 228 -30.27 25.43 -3.63
CA PRO B 228 -29.11 24.55 -3.37
C PRO B 228 -28.50 24.73 -1.98
N LEU B 229 -28.82 25.84 -1.30
CA LEU B 229 -28.24 26.08 0.06
C LEU B 229 -28.67 24.96 0.99
N ARG B 230 -29.77 24.26 0.64
CA ARG B 230 -30.27 23.22 1.54
C ARG B 230 -29.30 22.07 1.58
N LYS B 231 -28.48 21.94 0.54
CA LYS B 231 -27.37 20.99 0.63
C LYS B 231 -26.01 21.58 0.91
N SER B 232 -25.70 22.75 0.38
CA SER B 232 -24.32 23.26 0.55
C SER B 232 -24.05 23.74 1.98
N ILE B 233 -25.08 24.25 2.69
CA ILE B 233 -24.83 24.68 4.04
C ILE B 233 -24.53 23.45 4.91
N PRO B 234 -25.37 22.40 4.84
CA PRO B 234 -25.02 21.25 5.69
C PRO B 234 -23.76 20.55 5.21
N THR B 235 -23.50 20.62 3.91
CA THR B 235 -22.26 20.03 3.40
C THR B 235 -21.02 20.73 3.93
N LYS B 236 -21.05 22.05 3.95
CA LYS B 236 -19.91 22.78 4.45
C LYS B 236 -19.71 22.60 5.95
N ILE B 237 -20.82 22.44 6.69
CA ILE B 237 -20.68 22.18 8.11
C ILE B 237 -20.01 20.84 8.39
N MET B 238 -20.51 19.81 7.72
CA MET B 238 -19.97 18.51 7.86
C MET B 238 -18.52 18.43 7.34
N GLU B 239 -18.17 19.24 6.35
CA GLU B 239 -16.77 19.25 5.94
C GLU B 239 -15.95 19.95 7.01
N SER B 240 -16.47 21.02 7.60
CA SER B 240 -15.76 21.63 8.71
C SER B 240 -15.64 20.70 9.92
N GLU B 241 -16.47 19.67 9.98
CA GLU B 241 -16.41 18.70 11.07
C GLU B 241 -15.55 17.50 10.66
N GLY B 242 -15.02 17.55 9.46
CA GLY B 242 -14.19 16.47 8.97
C GLY B 242 -14.92 15.22 8.54
N ILE B 243 -16.24 15.28 8.46
CA ILE B 243 -17.02 14.10 8.07
C ILE B 243 -17.01 13.89 6.57
N ILE B 244 -16.91 14.98 5.83
CA ILE B 244 -16.88 14.93 4.39
C ILE B 244 -15.55 15.54 3.99
N GLY B 245 -15.00 15.13 2.86
CA GLY B 245 -13.77 15.73 2.36
C GLY B 245 -13.90 17.22 2.08
N SER C 1 9.23 18.59 14.46
CA SER C 1 9.03 19.25 15.80
C SER C 1 9.34 18.31 16.99
N ILE C 2 10.59 18.31 17.46
CA ILE C 2 11.10 17.25 18.32
C ILE C 2 10.32 17.02 19.63
N THR C 3 10.04 15.78 19.98
CA THR C 3 9.36 15.53 21.22
C THR C 3 10.35 14.94 22.23
N GLU C 4 10.06 15.12 23.52
CA GLU C 4 10.91 14.59 24.56
C GLU C 4 10.34 13.28 25.08
N ASN C 5 11.20 12.28 25.19
CA ASN C 5 10.77 11.03 25.76
C ASN C 5 11.60 10.73 26.99
N THR C 6 11.13 11.16 28.16
CA THR C 6 11.91 11.11 29.40
C THR C 6 12.09 9.70 29.89
N SER C 7 11.24 8.78 29.41
CA SER C 7 11.35 7.41 29.90
C SER C 7 12.71 6.79 29.45
N TRP C 8 13.38 7.42 28.51
CA TRP C 8 14.68 6.90 28.04
C TRP C 8 15.76 7.19 29.01
N ASN C 9 15.54 8.12 29.95
CA ASN C 9 16.60 8.57 30.85
C ASN C 9 17.16 7.48 31.78
N LYS C 10 16.33 6.52 32.16
CA LYS C 10 16.77 5.39 32.99
C LYS C 10 17.91 4.58 32.34
N GLU C 11 18.04 4.64 31.00
CA GLU C 11 19.20 3.96 30.36
C GLU C 11 20.52 4.67 30.57
N PHE C 12 20.45 5.99 30.76
CA PHE C 12 21.63 6.77 31.04
C PHE C 12 21.93 6.63 32.55
N SER C 13 20.92 6.85 33.40
CA SER C 13 21.22 6.87 34.86
C SER C 13 21.67 5.53 35.29
N ALA C 14 21.10 4.47 34.72
CA ALA C 14 21.52 3.13 35.09
C ALA C 14 23.05 2.95 34.98
N GLU C 15 23.68 3.76 34.14
CA GLU C 15 25.14 3.62 33.84
C GLU C 15 25.88 4.84 34.32
N ALA C 16 25.18 5.67 35.11
CA ALA C 16 25.68 6.95 35.59
C ALA C 16 26.31 7.82 34.50
N VAL C 17 25.64 7.92 33.36
CA VAL C 17 26.16 8.78 32.32
C VAL C 17 25.22 9.91 32.02
N ASN C 18 25.82 11.03 31.66
CA ASN C 18 25.09 12.14 31.11
C ASN C 18 25.22 12.15 29.59
N GLY C 19 24.11 12.22 28.87
CA GLY C 19 24.17 12.13 27.41
C GLY C 19 22.83 12.32 26.78
N VAL C 20 22.78 12.25 25.47
CA VAL C 20 21.50 12.44 24.77
C VAL C 20 21.42 11.50 23.58
N PHE C 21 20.20 11.06 23.32
CA PHE C 21 19.91 10.26 22.17
C PHE C 21 18.79 10.94 21.38
N VAL C 22 19.00 11.09 20.06
CA VAL C 22 17.98 11.62 19.14
C VAL C 22 17.68 10.56 18.12
N LEU C 23 16.39 10.25 17.93
CA LEU C 23 15.95 9.17 17.05
C LEU C 23 14.74 9.63 16.24
N CYS C 24 14.82 9.54 14.91
CA CYS C 24 13.79 10.08 13.98
C CYS C 24 13.32 8.97 13.06
N LYS C 25 12.03 8.71 13.05
CA LYS C 25 11.47 7.70 12.20
C LYS C 25 11.09 8.38 10.91
N SER C 26 11.49 7.81 9.79
N SER C 26 11.56 7.84 9.81
CA SER C 26 11.15 8.31 8.44
CA SER C 26 11.14 8.28 8.51
C SER C 26 11.87 9.59 8.04
C SER C 26 11.78 9.59 8.03
N SER C 27 11.79 10.63 8.87
CA SER C 27 12.51 11.86 8.55
C SER C 27 12.77 12.67 9.79
N SER C 28 13.49 13.78 9.63
CA SER C 28 13.79 14.68 10.73
C SER C 28 12.58 15.50 11.15
N LYS C 29 11.42 15.29 10.52
CA LYS C 29 10.17 15.96 11.00
C LYS C 29 9.56 15.18 12.17
N SER C 30 10.12 14.03 12.51
CA SER C 30 9.54 13.17 13.54
C SER C 30 10.60 12.68 14.50
N CYS C 31 11.19 13.57 15.27
CA CYS C 31 12.29 13.18 16.14
C CYS C 31 11.87 13.13 17.59
N ALA C 32 12.53 12.27 18.35
CA ALA C 32 12.26 12.14 19.78
C ALA C 32 13.62 12.13 20.43
N THR C 33 13.71 12.62 21.67
CA THR C 33 15.01 12.63 22.38
C THR C 33 14.71 12.49 23.87
N ASN C 34 15.66 12.00 24.64
CA ASN C 34 15.51 11.99 26.10
C ASN C 34 15.64 13.37 26.73
N ASP C 35 16.30 14.30 26.05
CA ASP C 35 16.72 15.58 26.69
C ASP C 35 16.73 16.71 25.66
N LEU C 36 15.65 17.49 25.65
CA LEU C 36 15.45 18.45 24.58
C LEU C 36 16.60 19.45 24.64
N ALA C 37 17.08 19.77 25.82
CA ALA C 37 18.10 20.81 25.92
C ALA C 37 19.45 20.24 25.42
N ARG C 38 19.81 19.04 25.85
CA ARG C 38 21.11 18.56 25.40
C ARG C 38 21.04 18.18 23.92
N ALA C 39 19.86 17.93 23.39
CA ALA C 39 19.75 17.53 21.97
C ALA C 39 20.22 18.64 21.04
N SER C 40 20.09 19.90 21.47
N SER C 40 20.10 19.89 21.48
CA SER C 40 20.53 21.02 20.66
CA SER C 40 20.53 21.02 20.67
C SER C 40 21.90 21.56 21.09
C SER C 40 21.86 21.61 21.13
N LYS C 41 22.44 21.07 22.20
CA LYS C 41 23.80 21.52 22.58
C LYS C 41 24.85 20.96 21.58
N GLU C 42 25.87 21.75 21.31
CA GLU C 42 26.84 21.42 20.24
C GLU C 42 28.14 20.93 20.85
N TYR C 43 28.68 19.83 20.34
CA TYR C 43 29.87 19.20 20.90
C TYR C 43 30.87 18.99 19.78
N LEU C 44 32.13 18.89 20.15
CA LEU C 44 33.19 18.55 19.18
C LEU C 44 32.76 17.28 18.46
N PRO C 45 32.82 17.26 17.12
CA PRO C 45 32.34 16.08 16.47
C PRO C 45 33.33 14.88 16.54
N ALA C 46 34.61 15.12 16.87
CA ALA C 46 35.63 14.00 16.85
C ALA C 46 35.54 13.20 15.56
N SER C 47 35.74 11.87 15.58
CA SER C 47 35.77 11.12 14.29
C SER C 47 34.45 11.13 13.51
N THR C 48 33.38 11.66 14.09
CA THR C 48 32.16 11.72 13.25
C THR C 48 32.33 12.69 12.09
N PHE C 49 33.35 13.56 12.23
CA PHE C 49 33.65 14.52 11.21
C PHE C 49 34.22 13.82 9.99
N KCX C 50 34.61 12.56 10.10
CA KCX C 50 35.12 11.88 8.87
CB KCX C 50 35.72 10.47 9.16
CG KCX C 50 36.96 10.53 10.09
CD KCX C 50 37.74 9.16 10.21
CE KCX C 50 39.17 9.41 10.85
NZ KCX C 50 39.02 9.90 12.27
C KCX C 50 34.07 11.75 7.78
O KCX C 50 34.40 11.56 6.64
CX KCX C 50 39.21 11.21 12.55
OQ1 KCX C 50 39.54 11.98 11.67
OQ2 KCX C 50 39.07 11.63 13.68
N ILE C 51 32.79 11.87 8.15
CA ILE C 51 31.77 11.81 7.12
C ILE C 51 31.86 13.03 6.19
N PRO C 52 31.65 14.25 6.71
CA PRO C 52 31.75 15.39 5.80
C PRO C 52 33.16 15.50 5.18
N ASN C 53 34.18 15.19 5.96
CA ASN C 53 35.59 15.31 5.50
C ASN C 53 35.83 14.40 4.29
N ALA C 54 35.33 13.15 4.35
CA ALA C 54 35.37 12.29 3.17
C ALA C 54 34.63 12.83 1.92
N ILE C 55 33.41 13.30 2.10
CA ILE C 55 32.67 13.87 0.97
C ILE C 55 33.45 15.03 0.35
N ILE C 56 34.00 15.89 1.21
CA ILE C 56 34.72 17.08 0.79
C ILE C 56 36.01 16.66 0.09
N GLY C 57 36.64 15.63 0.63
CA GLY C 57 37.85 15.07 -0.02
C GLY C 57 37.57 14.60 -1.42
N LEU C 58 36.42 13.91 -1.60
CA LEU C 58 35.96 13.54 -2.93
C LEU C 58 35.56 14.74 -3.81
N GLU C 59 34.71 15.64 -3.32
CA GLU C 59 34.33 16.82 -4.11
C GLU C 59 35.51 17.64 -4.64
N THR C 60 36.50 17.86 -3.77
CA THR C 60 37.66 18.68 -4.13
C THR C 60 38.66 17.92 -4.99
N GLY C 61 38.52 16.61 -5.06
CA GLY C 61 39.45 15.84 -5.84
C GLY C 61 40.70 15.50 -5.05
N VAL C 62 40.78 15.94 -3.80
CA VAL C 62 41.89 15.47 -2.91
C VAL C 62 41.88 13.95 -2.81
N ILE C 63 40.69 13.36 -2.75
CA ILE C 63 40.56 11.91 -2.72
C ILE C 63 40.22 11.61 -4.15
N LYS C 64 41.05 10.80 -4.81
CA LYS C 64 40.99 10.69 -6.26
C LYS C 64 39.71 10.07 -6.76
N ASN C 65 39.34 8.94 -6.17
CA ASN C 65 38.07 8.32 -6.44
C ASN C 65 37.75 7.29 -5.33
N GLU C 66 36.69 6.52 -5.51
CA GLU C 66 36.29 5.57 -4.45
C GLU C 66 37.32 4.49 -4.15
N HIS C 67 38.12 4.11 -5.14
CA HIS C 67 39.10 3.05 -4.90
C HIS C 67 40.46 3.62 -4.49
N GLN C 68 40.53 4.91 -4.22
CA GLN C 68 41.80 5.45 -3.75
C GLN C 68 42.41 4.65 -2.58
N VAL C 69 43.71 4.38 -2.64
CA VAL C 69 44.37 3.76 -1.48
C VAL C 69 45.22 4.76 -0.70
N PHE C 70 45.14 4.73 0.62
CA PHE C 70 45.96 5.66 1.41
C PHE C 70 47.13 4.89 1.98
N LYS C 71 48.31 5.16 1.44
CA LYS C 71 49.50 4.33 1.66
C LYS C 71 50.13 4.68 2.97
N TRP C 72 50.50 3.69 3.77
CA TRP C 72 51.20 3.99 5.01
C TRP C 72 52.66 4.24 4.66
N ASP C 73 53.21 5.38 5.06
CA ASP C 73 54.63 5.68 4.82
C ASP C 73 55.61 5.00 5.79
N GLY C 74 55.13 4.22 6.73
CA GLY C 74 56.05 3.51 7.60
C GLY C 74 56.32 4.18 8.94
N LYS C 75 55.97 5.44 9.07
CA LYS C 75 56.24 6.13 10.33
C LYS C 75 55.17 5.81 11.35
N PRO C 76 55.52 5.86 12.65
CA PRO C 76 54.63 5.26 13.63
C PRO C 76 53.33 6.02 13.78
N ARG C 77 52.27 5.31 14.14
CA ARG C 77 50.95 5.90 14.35
C ARG C 77 50.37 5.36 15.67
N ALA C 78 49.47 6.12 16.28
CA ALA C 78 48.89 5.68 17.54
C ALA C 78 48.45 4.21 17.54
N MET C 79 47.99 3.69 16.40
CA MET C 79 47.40 2.34 16.40
C MET C 79 47.97 1.43 15.33
N LYS C 80 48.34 0.22 15.71
CA LYS C 80 48.80 -0.75 14.75
C LYS C 80 47.81 -0.84 13.61
N GLN C 81 46.52 -0.73 13.94
CA GLN C 81 45.50 -0.86 12.92
C GLN C 81 45.65 0.23 11.86
N TRP C 82 46.29 1.34 12.21
CA TRP C 82 46.55 2.42 11.24
C TRP C 82 47.86 2.25 10.46
N GLU C 83 48.67 1.29 10.88
CA GLU C 83 50.02 1.19 10.32
C GLU C 83 50.01 0.28 9.11
N ARG C 84 49.26 0.69 8.09
CA ARG C 84 49.05 -0.13 6.92
C ARG C 84 48.33 0.73 5.88
N ASP C 85 48.41 0.34 4.60
CA ASP C 85 47.67 1.05 3.53
C ASP C 85 46.20 0.80 3.81
N LEU C 86 45.35 1.74 3.43
CA LEU C 86 43.96 1.64 3.84
C LEU C 86 43.17 2.11 2.67
N THR C 87 42.01 1.49 2.45
CA THR C 87 41.05 2.03 1.48
C THR C 87 40.27 3.15 2.17
N LEU C 88 39.39 3.82 1.42
CA LEU C 88 38.62 4.92 2.02
C LEU C 88 37.71 4.38 3.12
N ARG C 89 37.10 3.25 2.85
CA ARG C 89 36.24 2.61 3.83
C ARG C 89 37.08 2.09 4.99
N GLY C 90 38.23 1.53 4.71
CA GLY C 90 38.99 1.00 5.86
C GLY C 90 39.43 2.14 6.79
N ALA C 91 39.83 3.26 6.20
CA ALA C 91 40.32 4.44 6.97
C ALA C 91 39.19 5.07 7.82
N ILE C 92 37.97 5.08 7.29
CA ILE C 92 36.79 5.55 8.06
C ILE C 92 36.46 4.55 9.18
N GLN C 93 36.36 3.27 8.81
CA GLN C 93 35.93 2.23 9.73
C GLN C 93 36.88 2.08 10.91
N VAL C 94 38.19 2.18 10.68
CA VAL C 94 39.13 2.13 11.82
C VAL C 94 39.42 3.54 12.36
N SER C 95 38.77 4.54 11.79
CA SER C 95 38.95 5.87 12.28
C SER C 95 40.42 6.29 12.27
N ALA C 96 41.07 6.20 11.11
CA ALA C 96 42.51 6.51 11.04
C ALA C 96 42.74 8.01 10.92
N VAL C 97 42.87 8.68 12.05
CA VAL C 97 43.00 10.14 12.14
C VAL C 97 44.05 10.71 11.19
N PRO C 98 45.22 10.07 11.12
CA PRO C 98 46.24 10.71 10.30
C PRO C 98 45.95 10.79 8.83
N VAL C 99 45.17 9.85 8.29
CA VAL C 99 44.85 9.89 6.89
C VAL C 99 43.94 11.09 6.69
N PHE C 100 43.03 11.30 7.63
CA PHE C 100 42.08 12.41 7.46
C PHE C 100 42.68 13.78 7.81
N GLN C 101 43.69 13.80 8.67
CA GLN C 101 44.43 15.08 8.88
C GLN C 101 45.10 15.54 7.59
N GLN C 102 45.64 14.58 6.85
CA GLN C 102 46.29 14.88 5.59
C GLN C 102 45.27 15.28 4.52
N ILE C 103 44.16 14.55 4.39
CA ILE C 103 43.09 15.03 3.49
C ILE C 103 42.71 16.47 3.83
N ALA C 104 42.57 16.77 5.13
CA ALA C 104 42.09 18.08 5.58
C ALA C 104 43.10 19.19 5.19
N ARG C 105 44.37 18.92 5.38
CA ARG C 105 45.39 19.89 4.95
C ARG C 105 45.33 20.16 3.46
N GLU C 106 45.18 19.10 2.67
CA GLU C 106 45.11 19.28 1.25
C GLU C 106 43.86 20.04 0.84
N VAL C 107 42.76 19.85 1.57
CA VAL C 107 41.55 20.56 1.23
C VAL C 107 41.81 22.04 1.51
N GLY C 108 42.32 22.30 2.71
CA GLY C 108 42.65 23.67 3.15
C GLY C 108 41.45 24.45 3.68
N GLU C 109 41.74 25.57 4.37
CA GLU C 109 40.70 26.26 5.13
C GLU C 109 39.60 26.85 4.27
N VAL C 110 39.95 27.45 3.12
CA VAL C 110 38.94 28.13 2.31
C VAL C 110 37.80 27.23 1.82
N ARG C 111 38.17 26.09 1.24
CA ARG C 111 37.23 25.12 0.67
C ARG C 111 36.48 24.38 1.80
N MET C 112 37.20 24.07 2.87
CA MET C 112 36.61 23.39 4.00
C MET C 112 35.49 24.24 4.56
N GLN C 113 35.76 25.53 4.76
CA GLN C 113 34.81 26.48 5.28
C GLN C 113 33.59 26.56 4.36
N LYS C 114 33.83 26.57 3.07
CA LYS C 114 32.81 26.68 2.11
C LYS C 114 31.91 25.45 2.13
N TYR C 115 32.47 24.23 2.19
CA TYR C 115 31.60 23.03 2.25
C TYR C 115 30.83 22.94 3.57
N LEU C 116 31.44 23.32 4.68
CA LEU C 116 30.74 23.25 5.97
C LEU C 116 29.55 24.19 6.00
N LYS C 117 29.68 25.31 5.28
CA LYS C 117 28.56 26.24 5.09
C LYS C 117 27.47 25.63 4.20
N LYS C 118 27.85 25.01 3.08
CA LYS C 118 26.87 24.30 2.24
C LYS C 118 26.12 23.17 2.98
N PHE C 119 26.83 22.50 3.87
CA PHE C 119 26.28 21.36 4.62
C PHE C 119 25.57 21.79 5.90
N SER C 120 25.60 23.09 6.21
N SER C 120 25.61 23.08 6.22
CA SER C 120 25.09 23.58 7.49
CA SER C 120 25.07 23.56 7.51
C SER C 120 25.61 22.73 8.66
C SER C 120 25.62 22.74 8.68
N TYR C 121 26.93 22.53 8.68
CA TYR C 121 27.58 21.68 9.69
C TYR C 121 27.94 22.39 10.99
N GLY C 122 27.03 22.28 11.97
CA GLY C 122 27.34 22.78 13.33
C GLY C 122 27.61 24.27 13.38
N ASN C 123 28.44 24.71 14.32
CA ASN C 123 28.83 26.12 14.33
C ASN C 123 29.77 26.53 13.19
N GLN C 124 30.15 25.56 12.35
CA GLN C 124 31.03 25.79 11.20
C GLN C 124 32.35 26.50 11.54
N ASN C 125 32.85 26.29 12.74
CA ASN C 125 34.02 27.01 13.19
C ASN C 125 35.22 26.09 13.07
N ILE C 126 36.05 26.29 12.05
CA ILE C 126 37.17 25.40 11.87
C ILE C 126 38.47 26.10 12.27
N SER C 127 38.39 27.15 13.09
CA SER C 127 39.62 27.92 13.34
C SER C 127 40.67 27.19 14.19
N GLY C 128 41.89 27.74 14.18
CA GLY C 128 42.95 27.31 15.08
C GLY C 128 43.90 26.24 14.55
N GLY C 129 43.55 25.54 13.46
CA GLY C 129 44.45 24.49 12.89
C GLY C 129 43.68 23.56 11.95
N ILE C 130 43.97 23.65 10.64
CA ILE C 130 43.18 23.01 9.59
C ILE C 130 43.14 21.49 9.75
N ASP C 131 44.10 20.96 10.51
CA ASP C 131 44.22 19.51 10.67
C ASP C 131 43.87 19.06 12.06
N LYS C 132 43.28 19.94 12.86
CA LYS C 132 42.73 19.46 14.12
C LYS C 132 41.51 20.15 14.59
N PHE C 133 40.89 20.99 13.78
CA PHE C 133 39.70 21.67 14.28
C PHE C 133 38.60 20.70 14.81
N TRP C 134 38.51 19.50 14.28
CA TRP C 134 37.45 18.56 14.71
C TRP C 134 37.88 17.65 15.85
N LEU C 135 39.16 17.70 16.23
CA LEU C 135 39.76 16.85 17.27
C LEU C 135 39.93 17.62 18.56
N GLU C 136 40.37 18.87 18.48
CA GLU C 136 40.53 19.64 19.70
C GLU C 136 40.35 21.14 19.47
N GLY C 137 39.76 21.53 18.34
CA GLY C 137 39.55 22.95 17.99
C GLY C 137 38.17 23.45 18.42
N GLN C 138 37.59 24.31 17.64
CA GLN C 138 36.37 24.99 18.02
C GLN C 138 35.13 24.48 17.33
N LEU C 139 35.27 23.48 16.48
CA LEU C 139 34.09 22.98 15.74
C LEU C 139 33.12 22.33 16.69
N ARG C 140 31.83 22.62 16.56
CA ARG C 140 30.87 22.04 17.48
C ARG C 140 29.59 21.73 16.68
N ILE C 141 28.92 20.61 16.99
CA ILE C 141 27.67 20.25 16.30
C ILE C 141 26.75 19.49 17.26
N SER C 142 25.43 19.70 17.12
CA SER C 142 24.53 19.09 18.04
C SER C 142 24.03 17.72 17.47
N ALA C 143 23.46 16.91 18.35
CA ALA C 143 22.85 15.63 17.93
C ALA C 143 21.72 15.90 16.90
N VAL C 144 20.87 16.92 17.12
CA VAL C 144 19.85 17.23 16.10
C VAL C 144 20.50 17.61 14.75
N ASN C 145 21.52 18.45 14.76
CA ASN C 145 22.21 18.81 13.51
C ASN C 145 22.86 17.57 12.82
N GLN C 146 23.34 16.61 13.62
CA GLN C 146 23.96 15.40 13.02
C GLN C 146 22.87 14.59 12.27
N VAL C 147 21.70 14.47 12.85
CA VAL C 147 20.61 13.74 12.21
C VAL C 147 20.10 14.45 10.94
N GLU C 148 20.02 15.78 10.96
CA GLU C 148 19.62 16.52 9.78
C GLU C 148 20.63 16.35 8.65
N PHE C 149 21.92 16.44 9.01
CA PHE C 149 23.01 16.19 7.99
C PHE C 149 22.96 14.78 7.41
N LEU C 150 22.81 13.81 8.27
CA LEU C 150 22.79 12.43 7.85
C LEU C 150 21.56 12.11 7.00
N GLU C 151 20.42 12.70 7.33
CA GLU C 151 19.23 12.50 6.48
C GLU C 151 19.52 13.08 5.08
N SER C 152 20.16 14.25 5.02
CA SER C 152 20.49 14.83 3.71
C SER C 152 21.37 13.85 2.91
N LEU C 153 22.35 13.29 3.59
CA LEU C 153 23.27 12.35 2.95
C LEU C 153 22.48 11.16 2.46
N TYR C 154 21.67 10.60 3.34
CA TYR C 154 20.84 9.42 2.97
C TYR C 154 20.04 9.75 1.70
N LEU C 155 19.48 10.97 1.62
CA LEU C 155 18.65 11.37 0.46
C LEU C 155 19.43 11.92 -0.71
N ASN C 156 20.74 11.91 -0.59
CA ASN C 156 21.58 12.47 -1.62
C ASN C 156 21.35 13.94 -1.81
N LYS C 157 20.89 14.60 -0.77
CA LYS C 157 20.55 16.01 -0.91
C LYS C 157 21.67 16.95 -0.51
N LEU C 158 22.82 16.45 -0.09
CA LEU C 158 23.91 17.38 0.24
C LEU C 158 24.39 18.11 -1.03
N SER C 159 25.07 19.25 -0.91
CA SER C 159 25.69 19.90 -2.09
C SER C 159 27.00 19.23 -2.46
N ALA C 160 26.89 18.11 -3.15
CA ALA C 160 27.98 17.25 -3.52
C ALA C 160 27.38 16.35 -4.58
N SER C 161 28.18 15.72 -5.44
CA SER C 161 27.59 14.82 -6.43
C SER C 161 26.91 13.62 -5.73
N LYS C 162 25.86 13.11 -6.38
CA LYS C 162 25.22 11.94 -5.85
C LYS C 162 26.22 10.84 -5.76
N GLU C 163 27.08 10.74 -6.77
CA GLU C 163 28.09 9.70 -6.79
C GLU C 163 29.03 9.70 -5.58
N ASN C 164 29.50 10.88 -5.17
CA ASN C 164 30.36 10.96 -3.98
C ASN C 164 29.60 10.68 -2.69
N GLN C 165 28.35 11.12 -2.65
CA GLN C 165 27.53 10.76 -1.49
C GLN C 165 27.31 9.23 -1.39
N LEU C 166 26.99 8.60 -2.51
CA LEU C 166 26.91 7.11 -2.53
C LEU C 166 28.23 6.43 -2.11
N ILE C 167 29.36 6.90 -2.64
CA ILE C 167 30.67 6.32 -2.22
C ILE C 167 30.80 6.34 -0.71
N VAL C 168 30.48 7.46 -0.11
CA VAL C 168 30.70 7.63 1.33
C VAL C 168 29.68 6.78 2.11
N LYS C 169 28.46 6.68 1.62
CA LYS C 169 27.49 5.80 2.25
C LYS C 169 27.96 4.37 2.28
N GLU C 170 28.51 3.87 1.18
CA GLU C 170 28.89 2.46 1.28
C GLU C 170 30.00 2.30 2.32
N ALA C 171 30.82 3.34 2.45
CA ALA C 171 31.97 3.25 3.35
C ALA C 171 31.50 3.29 4.80
N LEU C 172 30.27 3.74 5.02
CA LEU C 172 29.71 3.78 6.37
C LEU C 172 28.89 2.55 6.79
N VAL C 173 28.65 1.61 5.90
CA VAL C 173 27.91 0.41 6.31
C VAL C 173 28.61 -0.36 7.44
N THR C 174 27.93 -0.52 8.57
CA THR C 174 28.49 -1.31 9.66
C THR C 174 27.77 -2.61 10.01
N GLU C 175 26.56 -2.78 9.51
CA GLU C 175 25.76 -3.97 9.85
C GLU C 175 25.01 -4.29 8.60
N ALA C 176 24.86 -5.55 8.23
CA ALA C 176 24.11 -5.85 7.01
C ALA C 176 23.39 -7.19 7.12
N ALA C 177 22.09 -7.18 6.86
CA ALA C 177 21.29 -8.40 6.81
C ALA C 177 20.27 -8.19 5.70
N PRO C 178 19.54 -9.23 5.33
CA PRO C 178 18.75 -9.01 4.14
C PRO C 178 17.70 -7.88 4.25
N GLU C 179 17.09 -7.69 5.40
CA GLU C 179 16.14 -6.57 5.57
C GLU C 179 16.53 -5.69 6.73
N TYR C 180 17.84 -5.54 6.96
CA TYR C 180 18.28 -4.65 8.02
C TYR C 180 19.65 -4.13 7.64
N LEU C 181 19.82 -2.81 7.51
CA LEU C 181 21.10 -2.32 7.08
C LEU C 181 21.40 -1.10 7.93
N VAL C 182 22.61 -1.06 8.49
CA VAL C 182 23.02 0.05 9.36
C VAL C 182 24.20 0.81 8.74
N HIS C 183 24.09 2.13 8.69
CA HIS C 183 25.20 3.05 8.33
C HIS C 183 25.56 3.85 9.58
N SER C 184 26.83 3.85 9.98
CA SER C 184 27.09 4.57 11.23
C SER C 184 28.56 4.93 11.38
N LYS C 185 28.82 5.79 12.36
CA LYS C 185 30.19 6.22 12.65
C LYS C 185 30.26 6.57 14.11
N THR C 186 31.33 6.10 14.75
CA THR C 186 31.64 6.45 16.12
C THR C 186 32.56 7.70 16.16
N GLY C 187 32.65 8.30 17.34
CA GLY C 187 33.71 9.30 17.59
C GLY C 187 33.95 9.44 19.07
N PHE C 188 35.12 9.96 19.45
CA PHE C 188 35.49 9.96 20.85
C PHE C 188 36.54 11.06 20.87
N SER C 189 36.33 12.13 21.62
CA SER C 189 37.35 13.21 21.66
C SER C 189 38.53 12.90 22.55
N GLY C 190 38.35 11.99 23.49
CA GLY C 190 39.40 11.61 24.45
C GLY C 190 38.71 11.47 25.78
N VAL C 191 39.35 10.82 26.73
CA VAL C 191 38.79 10.68 28.07
C VAL C 191 39.12 11.97 28.77
N GLY C 192 38.13 12.65 29.33
CA GLY C 192 38.39 13.85 30.11
C GLY C 192 38.35 13.51 31.60
N THR C 193 38.22 14.54 32.42
CA THR C 193 38.00 14.34 33.86
C THR C 193 36.53 14.57 34.16
N GLU C 194 36.11 14.32 35.38
CA GLU C 194 34.69 14.40 35.68
C GLU C 194 34.20 15.81 35.42
N SER C 195 35.01 16.80 35.83
CA SER C 195 34.54 18.16 35.75
C SER C 195 34.75 18.70 34.35
N ASN C 196 35.69 18.15 33.58
CA ASN C 196 35.90 18.54 32.19
C ASN C 196 35.97 17.32 31.24
N PRO C 197 34.81 16.66 31.04
CA PRO C 197 34.78 15.37 30.32
C PRO C 197 35.01 15.51 28.82
N GLY C 198 35.40 14.41 28.17
CA GLY C 198 35.40 14.35 26.74
C GLY C 198 33.97 14.09 26.28
N VAL C 199 33.82 13.88 24.98
CA VAL C 199 32.57 13.51 24.34
C VAL C 199 32.78 12.25 23.49
N ALA C 200 31.81 11.35 23.57
CA ALA C 200 31.76 10.19 22.70
C ALA C 200 30.45 10.22 21.92
N TRP C 201 30.53 9.80 20.65
CA TRP C 201 29.38 9.83 19.76
C TRP C 201 29.11 8.49 19.11
N TRP C 202 27.85 8.26 18.76
CA TRP C 202 27.54 7.23 17.76
C TRP C 202 26.38 7.74 16.91
N VAL C 203 26.59 7.88 15.60
CA VAL C 203 25.57 8.52 14.73
C VAL C 203 25.32 7.68 13.52
N GLY C 204 24.11 7.69 12.98
CA GLY C 204 23.95 6.98 11.74
C GLY C 204 22.50 6.78 11.38
N TRP C 205 22.21 5.72 10.64
CA TRP C 205 20.80 5.46 10.41
C TRP C 205 20.63 3.98 10.15
N VAL C 206 19.40 3.50 10.33
CA VAL C 206 19.08 2.04 10.23
C VAL C 206 17.95 1.93 9.22
N GLU C 207 18.14 1.13 8.16
CA GLU C 207 17.04 0.79 7.25
C GLU C 207 16.53 -0.58 7.71
N LYS C 208 15.31 -0.62 8.20
CA LYS C 208 14.72 -1.88 8.62
C LYS C 208 13.46 -2.12 7.77
N GLU C 209 13.42 -3.20 7.01
CA GLU C 209 12.32 -3.43 6.09
C GLU C 209 12.18 -2.19 5.24
N THR C 210 11.02 -1.53 5.23
CA THR C 210 10.94 -0.37 4.36
C THR C 210 10.92 0.92 5.17
N GLU C 211 11.36 0.87 6.43
CA GLU C 211 11.42 2.08 7.24
C GLU C 211 12.87 2.54 7.43
N VAL C 212 13.04 3.80 7.82
CA VAL C 212 14.39 4.27 8.06
C VAL C 212 14.35 5.08 9.35
N TYR C 213 15.39 4.97 10.17
CA TYR C 213 15.46 5.67 11.44
C TYR C 213 16.81 6.35 11.51
N PHE C 214 16.81 7.65 11.73
CA PHE C 214 18.10 8.39 11.83
C PHE C 214 18.42 8.53 13.30
N PHE C 215 19.68 8.44 13.68
CA PHE C 215 19.92 8.51 15.10
C PHE C 215 21.22 9.28 15.38
N ALA C 216 21.29 9.88 16.53
CA ALA C 216 22.58 10.47 16.95
C ALA C 216 22.64 10.38 18.47
N PHE C 217 23.77 9.88 18.97
CA PHE C 217 23.95 9.77 20.44
C PHE C 217 25.25 10.48 20.79
N ASN C 218 25.28 11.20 21.91
CA ASN C 218 26.54 11.61 22.52
C ASN C 218 26.46 11.51 24.06
N MET C 219 27.62 11.50 24.70
CA MET C 219 27.67 11.36 26.15
C MET C 219 28.98 11.95 26.63
N ASP C 220 28.98 12.42 27.86
CA ASP C 220 30.22 12.89 28.47
C ASP C 220 30.99 11.63 28.83
N ILE C 221 32.30 11.64 28.57
CA ILE C 221 33.17 10.52 28.94
C ILE C 221 34.37 10.99 29.81
N ASP C 222 34.43 10.43 31.01
CA ASP C 222 35.48 10.72 31.98
C ASP C 222 36.07 9.42 32.53
N ASN C 223 35.77 8.30 31.89
CA ASN C 223 36.34 6.99 32.30
C ASN C 223 36.45 6.16 31.04
N GLU C 224 37.67 5.69 30.75
CA GLU C 224 37.89 4.96 29.53
C GLU C 224 37.04 3.69 29.42
N SER C 225 36.81 3.01 30.53
CA SER C 225 36.03 1.77 30.44
C SER C 225 34.54 2.00 30.08
N LYS C 226 34.10 3.25 30.06
CA LYS C 226 32.71 3.57 29.72
C LYS C 226 32.47 3.80 28.23
N LEU C 227 33.55 3.82 27.46
CA LEU C 227 33.40 4.08 26.05
C LEU C 227 32.35 3.16 25.34
N PRO C 228 32.22 1.91 25.74
CA PRO C 228 31.33 1.06 24.96
C PRO C 228 29.81 1.40 25.18
N LEU C 229 29.53 2.17 26.21
CA LEU C 229 28.18 2.71 26.42
C LEU C 229 27.70 3.55 25.23
N ARG C 230 28.63 4.17 24.47
CA ARG C 230 28.23 4.98 23.30
C ARG C 230 27.40 4.12 22.30
N LYS C 231 27.60 2.81 22.34
CA LYS C 231 26.75 1.90 21.54
C LYS C 231 25.66 1.15 22.30
N SER C 232 25.92 0.71 23.52
CA SER C 232 24.93 -0.09 24.24
C SER C 232 23.74 0.75 24.77
N ILE C 233 23.95 2.01 25.09
CA ILE C 233 22.80 2.79 25.56
C ILE C 233 21.83 3.00 24.36
N PRO C 234 22.35 3.47 23.19
CA PRO C 234 21.37 3.66 22.07
C PRO C 234 20.79 2.36 21.58
N THR C 235 21.61 1.31 21.58
CA THR C 235 21.10 -0.04 21.26
C THR C 235 19.93 -0.48 22.14
N LYS C 236 20.04 -0.29 23.45
CA LYS C 236 18.95 -0.60 24.40
C LYS C 236 17.70 0.23 24.12
N ILE C 237 17.86 1.53 23.86
CA ILE C 237 16.72 2.35 23.48
C ILE C 237 16.06 1.88 22.17
N MET C 238 16.86 1.62 21.15
CA MET C 238 16.31 1.08 19.89
C MET C 238 15.67 -0.31 20.08
N GLU C 239 16.19 -1.13 21.01
CA GLU C 239 15.48 -2.40 21.36
C GLU C 239 14.10 -2.08 21.91
N SER C 240 14.06 -1.23 22.94
CA SER C 240 12.78 -0.97 23.59
C SER C 240 11.80 -0.28 22.68
N GLU C 241 12.31 0.47 21.69
CA GLU C 241 11.46 1.03 20.66
C GLU C 241 11.04 0.02 19.59
N GLY C 242 11.58 -1.18 19.63
CA GLY C 242 11.19 -2.27 18.74
C GLY C 242 11.90 -2.23 17.37
N ILE C 243 12.90 -1.39 17.25
CA ILE C 243 13.66 -1.34 16.02
C ILE C 243 14.61 -2.52 15.97
N ILE C 244 15.26 -2.83 17.09
CA ILE C 244 16.16 -3.98 17.16
C ILE C 244 15.38 -5.13 17.78
N GLY C 245 15.26 -6.22 17.03
CA GLY C 245 14.54 -7.41 17.53
C GLY C 245 13.16 -7.48 16.92
N GLY C 246 12.62 -8.69 16.86
CA GLY C 246 11.27 -8.90 16.35
C GLY C 246 10.28 -9.04 17.49
N SER D 1 -30.11 -17.51 -24.76
CA SER D 1 -29.11 -18.25 -25.60
C SER D 1 -28.08 -17.29 -26.16
N ILE D 2 -26.92 -17.32 -25.53
CA ILE D 2 -25.94 -16.26 -25.62
C ILE D 2 -25.47 -16.00 -27.06
N THR D 3 -25.34 -14.75 -27.43
CA THR D 3 -24.81 -14.45 -28.75
C THR D 3 -23.42 -13.80 -28.69
N GLU D 4 -22.61 -13.94 -29.75
CA GLU D 4 -21.28 -13.33 -29.80
C GLU D 4 -21.30 -12.00 -30.51
N ASN D 5 -20.67 -10.99 -29.93
CA ASN D 5 -20.58 -9.71 -30.59
C ASN D 5 -19.11 -9.41 -30.86
N THR D 6 -18.68 -9.41 -32.13
CA THR D 6 -17.23 -9.37 -32.33
C THR D 6 -16.75 -7.98 -32.19
N SER D 7 -17.62 -7.00 -32.42
CA SER D 7 -17.16 -5.63 -32.30
C SER D 7 -16.63 -5.37 -30.90
N TRP D 8 -17.10 -6.15 -29.92
CA TRP D 8 -16.76 -5.89 -28.52
C TRP D 8 -15.30 -6.29 -28.28
N ASN D 9 -14.64 -6.89 -29.29
CA ASN D 9 -13.22 -7.21 -29.10
C ASN D 9 -12.35 -6.01 -29.23
N LYS D 10 -12.96 -4.91 -29.58
CA LYS D 10 -12.18 -3.75 -29.90
C LYS D 10 -11.20 -3.34 -28.81
N GLU D 11 -11.71 -3.17 -27.58
CA GLU D 11 -10.82 -2.71 -26.50
C GLU D 11 -9.88 -3.80 -26.00
N PHE D 12 -10.23 -5.07 -26.11
CA PHE D 12 -9.26 -6.12 -25.80
C PHE D 12 -8.05 -6.07 -26.76
N SER D 13 -8.35 -5.98 -28.05
CA SER D 13 -7.30 -5.94 -29.04
C SER D 13 -6.40 -4.72 -28.85
N ALA D 14 -6.98 -3.55 -28.62
CA ALA D 14 -6.15 -2.32 -28.38
C ALA D 14 -5.16 -2.40 -27.24
N GLU D 15 -5.49 -3.14 -26.19
CA GLU D 15 -4.59 -3.26 -25.05
C GLU D 15 -3.87 -4.59 -25.04
N ALA D 16 -4.12 -5.41 -26.08
CA ALA D 16 -3.44 -6.70 -26.25
C ALA D 16 -3.73 -7.58 -25.06
N VAL D 17 -5.01 -7.68 -24.67
CA VAL D 17 -5.38 -8.50 -23.54
C VAL D 17 -6.28 -9.63 -23.99
N ASN D 18 -6.16 -10.76 -23.33
CA ASN D 18 -7.12 -11.87 -23.49
C ASN D 18 -8.14 -11.86 -22.35
N GLY D 19 -9.43 -11.79 -22.69
CA GLY D 19 -10.48 -11.70 -21.64
C GLY D 19 -11.83 -11.79 -22.30
N VAL D 20 -12.87 -11.70 -21.49
CA VAL D 20 -14.21 -11.84 -21.97
C VAL D 20 -15.08 -10.89 -21.21
N PHE D 21 -16.11 -10.38 -21.88
CA PHE D 21 -17.17 -9.59 -21.22
C PHE D 21 -18.51 -10.24 -21.54
N VAL D 22 -19.34 -10.49 -20.52
CA VAL D 22 -20.65 -11.02 -20.77
C VAL D 22 -21.65 -9.97 -20.29
N LEU D 23 -22.66 -9.65 -21.11
CA LEU D 23 -23.59 -8.57 -20.73
C LEU D 23 -24.98 -9.02 -21.15
N CYS D 24 -25.94 -8.93 -20.21
CA CYS D 24 -27.28 -9.45 -20.39
C CYS D 24 -28.22 -8.31 -20.03
N LYS D 25 -29.11 -7.97 -20.93
CA LYS D 25 -30.13 -6.96 -20.67
C LYS D 25 -31.38 -7.64 -20.14
N SER D 26 -31.93 -7.12 -19.05
CA SER D 26 -33.15 -7.62 -18.40
C SER D 26 -33.04 -8.91 -17.61
N SER D 27 -32.45 -9.95 -18.19
CA SER D 27 -32.37 -11.26 -17.53
C SER D 27 -31.27 -12.01 -18.20
N SER D 28 -30.90 -13.14 -17.63
CA SER D 28 -29.81 -13.93 -18.24
C SER D 28 -30.28 -14.71 -19.46
N LYS D 29 -31.53 -14.61 -19.85
CA LYS D 29 -31.94 -15.29 -21.08
C LYS D 29 -31.54 -14.45 -22.27
N SER D 30 -30.95 -13.29 -22.00
CA SER D 30 -30.64 -12.38 -23.09
C SER D 30 -29.21 -11.83 -22.99
N CYS D 31 -28.22 -12.65 -23.29
CA CYS D 31 -26.80 -12.30 -23.07
C CYS D 31 -26.00 -12.21 -24.37
N ALA D 32 -24.99 -11.33 -24.39
CA ALA D 32 -24.08 -11.28 -25.51
C ALA D 32 -22.64 -11.27 -24.95
N THR D 33 -21.63 -11.61 -25.77
CA THR D 33 -20.26 -11.68 -25.26
C THR D 33 -19.32 -11.44 -26.43
N ASN D 34 -18.09 -10.98 -26.17
CA ASN D 34 -17.10 -10.92 -27.23
C ASN D 34 -16.56 -12.29 -27.56
N ASP D 35 -16.73 -13.28 -26.71
CA ASP D 35 -16.04 -14.55 -26.99
C ASP D 35 -16.81 -15.67 -26.34
N LEU D 36 -17.52 -16.45 -27.16
CA LEU D 36 -18.41 -17.45 -26.66
C LEU D 36 -17.64 -18.55 -25.94
N ALA D 37 -16.45 -18.87 -26.42
CA ALA D 37 -15.72 -19.95 -25.79
C ALA D 37 -15.30 -19.53 -24.35
N ARG D 38 -14.75 -18.32 -24.21
CA ARG D 38 -14.30 -17.86 -22.88
C ARG D 38 -15.43 -17.61 -21.89
N ALA D 39 -16.61 -17.30 -22.40
CA ALA D 39 -17.73 -16.86 -21.55
C ALA D 39 -18.12 -17.97 -20.59
N SER D 40 -17.92 -19.22 -21.04
N SER D 40 -17.95 -19.23 -21.04
CA SER D 40 -18.22 -20.39 -20.24
CA SER D 40 -18.24 -20.38 -20.21
C SER D 40 -17.02 -20.98 -19.51
C SER D 40 -17.01 -21.05 -19.59
N LYS D 41 -15.83 -20.47 -19.77
CA LYS D 41 -14.62 -21.02 -19.12
C LYS D 41 -14.55 -20.59 -17.67
N GLU D 42 -14.11 -21.47 -16.78
CA GLU D 42 -14.24 -21.22 -15.34
C GLU D 42 -12.89 -20.81 -14.81
N TYR D 43 -12.85 -19.75 -14.01
CA TYR D 43 -11.58 -19.26 -13.43
C TYR D 43 -11.71 -19.08 -11.93
N LEU D 44 -10.58 -18.98 -11.25
CA LEU D 44 -10.64 -18.69 -9.80
C LEU D 44 -11.46 -17.43 -9.60
N PRO D 45 -12.32 -17.39 -8.58
CA PRO D 45 -13.12 -16.19 -8.41
C PRO D 45 -12.41 -14.99 -7.70
N ALA D 46 -11.29 -15.25 -7.01
CA ALA D 46 -10.56 -14.23 -6.23
C ALA D 46 -11.62 -13.49 -5.45
N SER D 47 -11.44 -12.18 -5.30
CA SER D 47 -12.28 -11.40 -4.42
C SER D 47 -13.75 -11.25 -4.84
N THR D 48 -14.12 -11.71 -6.02
CA THR D 48 -15.56 -11.77 -6.35
C THR D 48 -16.27 -12.78 -5.46
N PHE D 49 -15.48 -13.66 -4.84
CA PHE D 49 -16.05 -14.61 -3.89
C PHE D 49 -16.57 -13.95 -2.60
N KCX D 50 -16.21 -12.70 -2.35
CA KCX D 50 -16.72 -12.04 -1.15
CB KCX D 50 -16.01 -10.68 -0.91
CG KCX D 50 -14.53 -10.87 -0.55
CD KCX D 50 -13.85 -9.51 -0.21
CE KCX D 50 -12.51 -9.78 0.45
NZ KCX D 50 -11.58 -10.30 -0.60
C KCX D 50 -18.23 -11.87 -1.16
O KCX D 50 -18.88 -11.76 -0.09
CX KCX D 50 -11.23 -11.59 -0.67
OQ1 KCX D 50 -10.47 -11.97 -1.59
OQ2 KCX D 50 -11.63 -12.43 0.15
N ILE D 51 -18.81 -11.88 -2.38
CA ILE D 51 -20.25 -11.85 -2.50
C ILE D 51 -20.94 -13.07 -1.83
N PRO D 52 -20.73 -14.29 -2.37
CA PRO D 52 -21.37 -15.36 -1.63
C PRO D 52 -20.80 -15.56 -0.22
N ASN D 53 -19.51 -15.26 0.00
CA ASN D 53 -18.94 -15.42 1.37
C ASN D 53 -19.72 -14.58 2.39
N ALA D 54 -19.97 -13.31 2.04
CA ALA D 54 -20.76 -12.40 2.85
C ALA D 54 -22.16 -12.96 3.13
N ILE D 55 -22.82 -13.40 2.10
CA ILE D 55 -24.15 -13.89 2.29
C ILE D 55 -24.13 -15.08 3.23
N ILE D 56 -23.20 -16.01 2.96
CA ILE D 56 -23.04 -17.18 3.81
C ILE D 56 -22.69 -16.84 5.28
N GLY D 57 -21.78 -15.89 5.47
CA GLY D 57 -21.44 -15.42 6.80
C GLY D 57 -22.67 -14.93 7.56
N LEU D 58 -23.59 -14.25 6.85
CA LEU D 58 -24.84 -13.76 7.46
C LEU D 58 -25.81 -14.90 7.72
N GLU D 59 -25.96 -15.79 6.74
CA GLU D 59 -26.87 -16.90 6.90
C GLU D 59 -26.47 -17.79 8.09
N THR D 60 -25.18 -17.99 8.29
CA THR D 60 -24.72 -18.92 9.33
C THR D 60 -24.60 -18.24 10.72
N GLY D 61 -24.70 -16.93 10.76
CA GLY D 61 -24.67 -16.18 11.99
C GLY D 61 -23.26 -15.80 12.34
N VAL D 62 -22.30 -16.21 11.51
CA VAL D 62 -20.91 -15.87 11.71
C VAL D 62 -20.74 -14.33 11.68
N ILE D 63 -21.50 -13.71 10.79
CA ILE D 63 -21.58 -12.24 10.73
C ILE D 63 -22.90 -12.00 11.44
N LYS D 64 -22.85 -11.28 12.52
CA LYS D 64 -24.02 -11.29 13.43
C LYS D 64 -25.18 -10.60 12.79
N ASN D 65 -24.91 -9.45 12.20
CA ASN D 65 -25.93 -8.76 11.48
C ASN D 65 -25.27 -7.70 10.61
N GLU D 66 -26.10 -6.98 9.87
CA GLU D 66 -25.72 -5.89 8.97
C GLU D 66 -24.72 -4.88 9.51
N HIS D 67 -24.77 -4.57 10.82
CA HIS D 67 -23.87 -3.57 11.45
C HIS D 67 -22.67 -4.16 12.19
N GLN D 68 -22.41 -5.44 12.00
CA GLN D 68 -21.14 -6.06 12.45
C GLN D 68 -19.91 -5.20 12.14
N VAL D 69 -19.11 -4.88 13.15
CA VAL D 69 -17.80 -4.31 12.90
C VAL D 69 -16.71 -5.39 12.90
N PHE D 70 -15.84 -5.35 11.92
CA PHE D 70 -14.68 -6.27 11.92
C PHE D 70 -13.48 -5.57 12.53
N LYS D 71 -13.18 -5.89 13.79
CA LYS D 71 -12.09 -5.21 14.54
C LYS D 71 -10.70 -5.53 14.06
N TRP D 72 -9.87 -4.53 13.85
CA TRP D 72 -8.48 -4.83 13.49
C TRP D 72 -7.71 -5.18 14.75
N ASP D 73 -7.07 -6.33 14.80
CA ASP D 73 -6.26 -6.68 15.98
C ASP D 73 -4.87 -6.03 15.95
N GLY D 74 -4.56 -5.27 14.91
CA GLY D 74 -3.32 -4.51 14.92
C GLY D 74 -2.11 -5.23 14.38
N LYS D 75 -2.25 -6.52 14.07
CA LYS D 75 -1.21 -7.26 13.35
C LYS D 75 -1.04 -6.70 11.93
N PRO D 76 0.19 -6.74 11.38
CA PRO D 76 0.34 -6.12 10.07
C PRO D 76 -0.58 -6.72 8.98
N ARG D 77 -0.96 -5.90 7.99
CA ARG D 77 -1.76 -6.38 6.86
C ARG D 77 -1.26 -5.75 5.54
N ALA D 78 -1.59 -6.40 4.41
CA ALA D 78 -1.05 -5.98 3.15
C ALA D 78 -1.36 -4.55 2.75
N MET D 79 -2.55 -4.04 3.08
CA MET D 79 -2.93 -2.69 2.68
C MET D 79 -3.23 -1.87 3.93
N LYS D 80 -3.09 -0.55 3.79
CA LYS D 80 -3.34 0.36 4.90
C LYS D 80 -4.83 0.54 5.09
N GLN D 81 -5.59 0.49 3.98
CA GLN D 81 -7.03 0.48 4.08
C GLN D 81 -7.54 -0.72 4.86
N TRP D 82 -6.68 -1.70 5.09
CA TRP D 82 -7.09 -2.88 5.84
C TRP D 82 -6.74 -2.82 7.31
N GLU D 83 -5.82 -1.95 7.70
CA GLU D 83 -5.38 -1.91 9.09
C GLU D 83 -6.27 -0.94 9.87
N ARG D 84 -7.51 -1.35 10.10
CA ARG D 84 -8.51 -0.51 10.76
C ARG D 84 -9.74 -1.36 10.87
N ASP D 85 -10.62 -0.98 11.78
CA ASP D 85 -11.91 -1.60 11.96
C ASP D 85 -12.69 -1.35 10.67
N LEU D 86 -13.44 -2.35 10.23
CA LEU D 86 -14.15 -2.23 8.95
C LEU D 86 -15.55 -2.65 9.22
N THR D 87 -16.48 -2.06 8.48
CA THR D 87 -17.85 -2.55 8.48
C THR D 87 -17.93 -3.64 7.42
N LEU D 88 -19.06 -4.29 7.29
CA LEU D 88 -19.21 -5.30 6.23
C LEU D 88 -19.05 -4.64 4.85
N ARG D 89 -19.67 -3.49 4.63
CA ARG D 89 -19.53 -2.87 3.31
C ARG D 89 -18.08 -2.41 3.09
N GLY D 90 -17.49 -1.82 4.13
CA GLY D 90 -16.12 -1.36 4.03
C GLY D 90 -15.18 -2.51 3.70
N ALA D 91 -15.38 -3.65 4.36
CA ALA D 91 -14.50 -4.85 4.15
C ALA D 91 -14.65 -5.40 2.70
N ILE D 92 -15.88 -5.43 2.20
CA ILE D 92 -16.13 -5.79 0.80
C ILE D 92 -15.52 -4.75 -0.15
N GLN D 93 -15.81 -3.47 0.08
CA GLN D 93 -15.35 -2.40 -0.81
C GLN D 93 -13.84 -2.27 -0.95
N VAL D 94 -13.08 -2.45 0.14
CA VAL D 94 -11.60 -2.39 0.05
C VAL D 94 -11.04 -3.81 -0.13
N SER D 95 -11.93 -4.79 -0.18
CA SER D 95 -11.50 -6.14 -0.51
C SER D 95 -10.49 -6.68 0.52
N ALA D 96 -10.93 -6.65 1.77
CA ALA D 96 -10.04 -6.98 2.89
C ALA D 96 -9.96 -8.47 3.07
N VAL D 97 -9.04 -9.10 2.35
CA VAL D 97 -8.88 -10.52 2.35
C VAL D 97 -8.88 -11.15 3.75
N PRO D 98 -8.08 -10.61 4.66
CA PRO D 98 -7.95 -11.24 5.99
C PRO D 98 -9.29 -11.31 6.76
N VAL D 99 -10.18 -10.35 6.58
CA VAL D 99 -11.48 -10.40 7.29
C VAL D 99 -12.31 -11.56 6.79
N PHE D 100 -12.25 -11.76 5.48
CA PHE D 100 -13.00 -12.81 4.84
C PHE D 100 -12.35 -14.20 4.99
N GLN D 101 -11.03 -14.25 5.09
CA GLN D 101 -10.41 -15.50 5.48
C GLN D 101 -10.89 -15.98 6.85
N GLN D 102 -11.03 -15.05 7.79
CA GLN D 102 -11.54 -15.43 9.12
C GLN D 102 -13.02 -15.81 9.06
N ILE D 103 -13.81 -15.09 8.26
CA ILE D 103 -15.23 -15.47 8.10
C ILE D 103 -15.32 -16.95 7.56
N ALA D 104 -14.51 -17.25 6.53
CA ALA D 104 -14.52 -18.60 5.93
C ALA D 104 -14.16 -19.72 6.93
N ARG D 105 -13.10 -19.51 7.71
CA ARG D 105 -12.73 -20.45 8.77
C ARG D 105 -13.87 -20.70 9.68
N GLU D 106 -14.49 -19.63 10.18
CA GLU D 106 -15.66 -19.76 11.05
C GLU D 106 -16.82 -20.53 10.43
N VAL D 107 -17.11 -20.26 9.16
CA VAL D 107 -18.23 -20.94 8.47
C VAL D 107 -17.92 -22.45 8.35
N GLY D 108 -16.69 -22.73 7.94
CA GLY D 108 -16.15 -24.09 7.92
C GLY D 108 -16.56 -24.90 6.72
N GLU D 109 -15.84 -26.00 6.47
CA GLU D 109 -16.04 -26.72 5.21
C GLU D 109 -17.43 -27.25 4.93
N VAL D 110 -18.11 -27.81 5.94
CA VAL D 110 -19.39 -28.47 5.69
C VAL D 110 -20.46 -27.46 5.26
N ARG D 111 -20.53 -26.36 6.00
CA ARG D 111 -21.52 -25.29 5.77
C ARG D 111 -21.20 -24.53 4.44
N MET D 112 -19.93 -24.23 4.22
CA MET D 112 -19.51 -23.60 2.95
C MET D 112 -19.97 -24.45 1.73
N GLN D 113 -19.64 -25.72 1.75
CA GLN D 113 -19.98 -26.63 0.69
C GLN D 113 -21.47 -26.68 0.41
N LYS D 114 -22.25 -26.74 1.48
CA LYS D 114 -23.70 -26.76 1.34
C LYS D 114 -24.21 -25.48 0.63
N TYR D 115 -23.70 -24.32 1.00
CA TYR D 115 -24.20 -23.09 0.35
C TYR D 115 -23.74 -22.95 -1.10
N LEU D 116 -22.51 -23.34 -1.40
CA LEU D 116 -22.09 -23.24 -2.80
C LEU D 116 -22.95 -24.16 -3.73
N LYS D 117 -23.36 -25.30 -3.18
CA LYS D 117 -24.30 -26.16 -3.89
C LYS D 117 -25.68 -25.48 -4.01
N LYS D 118 -26.18 -24.88 -2.94
CA LYS D 118 -27.47 -24.17 -3.10
C LYS D 118 -27.38 -23.06 -4.16
N PHE D 119 -26.22 -22.37 -4.21
CA PHE D 119 -26.05 -21.19 -5.08
C PHE D 119 -25.58 -21.61 -6.48
N SER D 120 -25.36 -22.92 -6.69
CA SER D 120 -24.86 -23.41 -7.97
C SER D 120 -23.65 -22.60 -8.36
N TYR D 121 -22.70 -22.52 -7.45
CA TYR D 121 -21.61 -21.57 -7.59
C TYR D 121 -20.39 -22.22 -8.24
N GLY D 122 -20.31 -22.15 -9.57
CA GLY D 122 -19.16 -22.70 -10.33
C GLY D 122 -18.93 -24.20 -10.12
N ASN D 123 -17.66 -24.64 -10.06
CA ASN D 123 -17.43 -26.07 -9.88
C ASN D 123 -17.62 -26.52 -8.42
N GLN D 124 -17.95 -25.59 -7.54
CA GLN D 124 -18.24 -25.88 -6.14
C GLN D 124 -17.10 -26.64 -5.42
N ASN D 125 -15.88 -26.42 -5.85
CA ASN D 125 -14.78 -27.15 -5.30
C ASN D 125 -14.03 -26.21 -4.34
N ILE D 126 -14.11 -26.47 -3.05
CA ILE D 126 -13.52 -25.61 -2.07
C ILE D 126 -12.38 -26.36 -1.38
N SER D 127 -11.89 -27.44 -2.00
N SER D 127 -11.86 -27.40 -2.05
CA SER D 127 -10.91 -28.31 -1.33
CA SER D 127 -10.86 -28.27 -1.43
C SER D 127 -9.57 -27.62 -1.19
C SER D 127 -9.53 -27.59 -1.20
N GLY D 128 -8.75 -28.18 -0.28
CA GLY D 128 -7.38 -27.75 -0.07
C GLY D 128 -7.04 -26.82 1.06
N GLY D 129 -8.02 -26.02 1.54
CA GLY D 129 -7.76 -24.93 2.49
C GLY D 129 -8.98 -24.02 2.63
N ILE D 130 -9.68 -24.10 3.77
CA ILE D 130 -10.98 -23.43 3.88
C ILE D 130 -10.85 -21.90 3.82
N ASP D 131 -9.65 -21.39 4.12
CA ASP D 131 -9.44 -19.91 4.05
C ASP D 131 -8.68 -19.44 2.83
N LYS D 132 -8.45 -20.33 1.86
CA LYS D 132 -7.84 -19.85 0.63
C LYS D 132 -8.30 -20.44 -0.71
N PHE D 133 -9.38 -21.22 -0.69
CA PHE D 133 -9.85 -21.95 -1.85
C PHE D 133 -10.19 -21.00 -3.02
N TRP D 134 -10.64 -19.78 -2.72
CA TRP D 134 -11.05 -18.81 -3.79
C TRP D 134 -9.87 -17.94 -4.22
N LEU D 135 -8.76 -18.07 -3.52
CA LEU D 135 -7.59 -17.21 -3.73
C LEU D 135 -6.51 -17.99 -4.46
N GLU D 136 -6.37 -19.25 -4.11
CA GLU D 136 -5.34 -20.06 -4.78
C GLU D 136 -5.64 -21.55 -4.79
N GLY D 137 -6.91 -21.90 -4.54
CA GLY D 137 -7.34 -23.28 -4.49
C GLY D 137 -7.97 -23.76 -5.78
N GLN D 138 -8.95 -24.65 -5.64
N GLN D 138 -8.96 -24.64 -5.65
CA GLN D 138 -9.59 -25.36 -6.78
CA GLN D 138 -9.52 -25.31 -6.82
C GLN D 138 -10.87 -24.72 -7.33
C GLN D 138 -10.96 -24.87 -7.17
N LEU D 139 -11.42 -23.77 -6.58
CA LEU D 139 -12.74 -23.22 -6.96
C LEU D 139 -12.64 -22.51 -8.31
N ARG D 140 -13.57 -22.78 -9.22
CA ARG D 140 -13.60 -22.03 -10.48
C ARG D 140 -15.06 -21.66 -10.81
N ILE D 141 -15.24 -20.52 -11.46
CA ILE D 141 -16.57 -20.15 -11.94
C ILE D 141 -16.42 -19.38 -13.27
N SER D 142 -17.40 -19.45 -14.18
CA SER D 142 -17.33 -18.77 -15.49
C SER D 142 -18.01 -17.41 -15.42
N ALA D 143 -17.73 -16.52 -16.37
CA ALA D 143 -18.45 -15.25 -16.36
C ALA D 143 -19.99 -15.49 -16.49
N VAL D 144 -20.39 -16.53 -17.23
CA VAL D 144 -21.83 -16.73 -17.42
C VAL D 144 -22.44 -17.18 -16.11
N ASN D 145 -21.74 -18.03 -15.38
CA ASN D 145 -22.30 -18.44 -14.08
C ASN D 145 -22.31 -17.23 -13.10
N GLN D 146 -21.34 -16.34 -13.20
CA GLN D 146 -21.36 -15.09 -12.36
C GLN D 146 -22.64 -14.28 -12.62
N VAL D 147 -22.98 -14.07 -13.88
CA VAL D 147 -24.19 -13.34 -14.19
C VAL D 147 -25.45 -14.04 -13.69
N GLU D 148 -25.54 -15.35 -13.91
CA GLU D 148 -26.62 -16.11 -13.31
C GLU D 148 -26.74 -15.95 -11.79
N PHE D 149 -25.61 -16.03 -11.08
CA PHE D 149 -25.65 -15.89 -9.62
C PHE D 149 -26.06 -14.48 -9.20
N LEU D 150 -25.50 -13.47 -9.89
CA LEU D 150 -25.81 -12.10 -9.58
C LEU D 150 -27.30 -11.79 -9.87
N GLU D 151 -27.83 -12.31 -11.00
CA GLU D 151 -29.28 -12.12 -11.30
C GLU D 151 -30.14 -12.73 -10.20
N SER D 152 -29.81 -13.95 -9.73
CA SER D 152 -30.53 -14.50 -8.55
C SER D 152 -30.48 -13.61 -7.32
N LEU D 153 -29.28 -13.10 -7.03
CA LEU D 153 -29.11 -12.16 -5.96
C LEU D 153 -29.99 -10.90 -6.15
N TYR D 154 -29.88 -10.29 -7.33
CA TYR D 154 -30.68 -9.10 -7.61
C TYR D 154 -32.18 -9.34 -7.30
N LEU D 155 -32.67 -10.52 -7.66
CA LEU D 155 -34.09 -10.89 -7.54
C LEU D 155 -34.45 -11.49 -6.20
N ASN D 156 -33.48 -11.56 -5.30
CA ASN D 156 -33.61 -12.21 -3.98
C ASN D 156 -34.04 -13.64 -4.07
N LYS D 157 -33.61 -14.30 -5.15
CA LYS D 157 -33.91 -15.66 -5.34
C LYS D 157 -32.86 -16.65 -4.86
N LEU D 158 -31.74 -16.22 -4.25
CA LEU D 158 -30.79 -17.21 -3.76
C LEU D 158 -31.42 -17.93 -2.55
N SER D 159 -30.93 -19.10 -2.16
CA SER D 159 -31.43 -19.75 -0.93
C SER D 159 -30.74 -19.19 0.25
N ALA D 160 -31.20 -17.99 0.63
CA ALA D 160 -30.70 -17.23 1.74
C ALA D 160 -31.88 -16.34 2.10
N SER D 161 -31.93 -15.72 3.28
CA SER D 161 -33.08 -14.82 3.54
C SER D 161 -33.05 -13.60 2.61
N LYS D 162 -34.21 -13.03 2.32
CA LYS D 162 -34.28 -11.85 1.46
C LYS D 162 -33.55 -10.76 2.17
N GLU D 163 -33.65 -10.77 3.51
CA GLU D 163 -32.97 -9.81 4.33
C GLU D 163 -31.43 -9.82 4.15
N ASN D 164 -30.84 -11.01 4.19
CA ASN D 164 -29.36 -11.06 4.09
C ASN D 164 -28.91 -10.72 2.66
N GLN D 165 -29.75 -11.06 1.69
CA GLN D 165 -29.47 -10.70 0.29
C GLN D 165 -29.54 -9.16 0.13
N LEU D 166 -30.51 -8.51 0.78
CA LEU D 166 -30.60 -7.04 0.70
C LEU D 166 -29.39 -6.37 1.34
N ILE D 167 -28.90 -6.96 2.46
CA ILE D 167 -27.83 -6.39 3.22
C ILE D 167 -26.57 -6.39 2.34
N VAL D 168 -26.31 -7.52 1.70
CA VAL D 168 -25.16 -7.66 0.84
C VAL D 168 -25.29 -6.82 -0.43
N LYS D 169 -26.51 -6.67 -0.96
CA LYS D 169 -26.66 -5.78 -2.11
C LYS D 169 -26.29 -4.32 -1.82
N GLU D 170 -26.70 -3.76 -0.71
CA GLU D 170 -26.30 -2.39 -0.42
C GLU D 170 -24.80 -2.28 -0.24
N ALA D 171 -24.18 -3.29 0.38
CA ALA D 171 -22.74 -3.28 0.55
C ALA D 171 -22.00 -3.26 -0.81
N LEU D 172 -22.72 -3.62 -1.88
CA LEU D 172 -22.09 -3.74 -3.22
C LEU D 172 -22.32 -2.48 -4.06
N VAL D 173 -23.15 -1.56 -3.58
CA VAL D 173 -23.31 -0.32 -4.35
C VAL D 173 -22.00 0.41 -4.54
N THR D 174 -21.67 0.74 -5.80
CA THR D 174 -20.43 1.48 -6.10
C THR D 174 -20.61 2.78 -6.86
N GLU D 175 -21.78 3.00 -7.47
CA GLU D 175 -22.10 4.26 -8.12
C GLU D 175 -23.58 4.49 -7.87
N ALA D 176 -23.97 5.74 -7.62
CA ALA D 176 -25.34 6.14 -7.36
C ALA D 176 -25.64 7.51 -7.99
N ALA D 177 -26.71 7.56 -8.78
CA ALA D 177 -27.22 8.80 -9.31
C ALA D 177 -28.72 8.64 -9.26
N PRO D 178 -29.48 9.70 -9.49
CA PRO D 178 -30.95 9.52 -9.26
C PRO D 178 -31.59 8.42 -10.09
N GLU D 179 -31.11 8.21 -11.32
CA GLU D 179 -31.66 7.15 -12.14
C GLU D 179 -30.60 6.16 -12.67
N TYR D 180 -29.53 5.95 -11.89
CA TYR D 180 -28.42 5.10 -12.34
C TYR D 180 -27.78 4.52 -11.08
N LEU D 181 -27.76 3.20 -10.95
CA LEU D 181 -27.27 2.59 -9.72
C LEU D 181 -26.42 1.39 -10.11
N VAL D 182 -25.19 1.32 -9.59
CA VAL D 182 -24.31 0.16 -9.94
C VAL D 182 -23.99 -0.64 -8.69
N HIS D 183 -24.12 -1.96 -8.77
CA HIS D 183 -23.65 -2.89 -7.71
C HIS D 183 -22.50 -3.67 -8.39
N SER D 184 -21.33 -3.76 -7.78
CA SER D 184 -20.23 -4.41 -8.50
C SER D 184 -19.16 -4.88 -7.50
N LYS D 185 -18.29 -5.79 -7.96
CA LYS D 185 -17.20 -6.27 -7.16
C LYS D 185 -16.04 -6.64 -8.07
N THR D 186 -14.85 -6.20 -7.72
CA THR D 186 -13.62 -6.56 -8.44
C THR D 186 -12.99 -7.78 -7.87
N GLY D 187 -12.11 -8.41 -8.63
CA GLY D 187 -11.25 -9.46 -8.04
C GLY D 187 -9.98 -9.57 -8.86
N PHE D 188 -8.90 -10.10 -8.27
CA PHE D 188 -7.62 -10.17 -8.93
C PHE D 188 -6.89 -11.26 -8.16
N SER D 189 -6.47 -12.33 -8.83
CA SER D 189 -5.82 -13.43 -8.16
C SER D 189 -4.33 -13.14 -7.90
N GLY D 190 -3.80 -12.11 -8.56
CA GLY D 190 -2.34 -11.88 -8.60
C GLY D 190 -1.79 -11.88 -10.01
N VAL D 191 -0.68 -11.19 -10.19
CA VAL D 191 -0.07 -11.06 -11.50
C VAL D 191 0.53 -12.41 -11.75
N GLY D 192 0.33 -13.00 -12.93
CA GLY D 192 0.98 -14.28 -13.18
C GLY D 192 2.04 -14.05 -14.26
N THR D 193 2.47 -15.10 -14.92
CA THR D 193 3.41 -14.91 -16.00
C THR D 193 2.64 -15.03 -17.30
N GLU D 194 3.30 -14.70 -18.41
CA GLU D 194 2.59 -14.75 -19.66
C GLU D 194 2.03 -16.13 -19.94
N SER D 195 2.75 -17.18 -19.59
CA SER D 195 2.21 -18.49 -19.94
C SER D 195 1.28 -18.97 -18.85
N ASN D 196 1.43 -18.43 -17.64
CA ASN D 196 0.57 -18.82 -16.51
C ASN D 196 -0.05 -17.58 -15.83
N PRO D 197 -0.95 -16.88 -16.54
CA PRO D 197 -1.40 -15.60 -16.05
C PRO D 197 -2.34 -15.75 -14.85
N GLY D 198 -2.48 -14.67 -14.10
CA GLY D 198 -3.49 -14.54 -13.05
C GLY D 198 -4.78 -14.17 -13.75
N VAL D 199 -5.82 -13.90 -12.97
CA VAL D 199 -7.10 -13.55 -13.54
C VAL D 199 -7.56 -12.35 -12.77
N ALA D 200 -8.23 -11.42 -13.46
CA ALA D 200 -8.79 -10.26 -12.85
C ALA D 200 -10.25 -10.18 -13.32
N TRP D 201 -11.14 -9.80 -12.40
CA TRP D 201 -12.55 -9.79 -12.71
C TRP D 201 -13.14 -8.44 -12.39
N TRP D 202 -14.24 -8.14 -13.04
CA TRP D 202 -15.22 -7.18 -12.48
C TRP D 202 -16.63 -7.68 -12.76
N VAL D 203 -17.52 -7.80 -11.76
CA VAL D 203 -18.84 -8.32 -12.07
C VAL D 203 -19.87 -7.46 -11.32
N GLY D 204 -21.12 -7.48 -11.75
CA GLY D 204 -22.08 -6.62 -11.09
C GLY D 204 -23.32 -6.45 -11.95
N TRP D 205 -24.11 -5.45 -11.64
CA TRP D 205 -25.20 -5.11 -12.54
C TRP D 205 -25.45 -3.63 -12.47
N VAL D 206 -26.12 -3.10 -13.50
CA VAL D 206 -26.33 -1.69 -13.66
C VAL D 206 -27.84 -1.55 -13.79
N GLU D 207 -28.45 -0.70 -12.95
CA GLU D 207 -29.85 -0.32 -13.08
C GLU D 207 -29.88 1.09 -13.59
N LYS D 208 -30.36 1.24 -14.82
CA LYS D 208 -30.42 2.53 -15.49
C LYS D 208 -31.91 2.80 -15.88
N GLU D 209 -32.49 3.90 -15.36
CA GLU D 209 -33.91 4.15 -15.53
C GLU D 209 -34.65 2.90 -15.11
N THR D 210 -35.45 2.30 -15.96
CA THR D 210 -36.13 1.06 -15.52
C THR D 210 -35.59 -0.19 -16.16
N GLU D 211 -34.36 -0.16 -16.67
CA GLU D 211 -33.74 -1.38 -17.21
C GLU D 211 -32.69 -1.92 -16.26
N VAL D 212 -32.35 -3.20 -16.43
CA VAL D 212 -31.23 -3.74 -15.68
C VAL D 212 -30.30 -4.49 -16.63
N TYR D 213 -28.99 -4.30 -16.44
CA TYR D 213 -27.96 -5.04 -17.21
C TYR D 213 -27.04 -5.80 -16.25
N PHE D 214 -26.90 -7.12 -16.43
CA PHE D 214 -26.01 -7.97 -15.59
C PHE D 214 -24.70 -8.09 -16.36
N PHE D 215 -23.56 -8.01 -15.69
CA PHE D 215 -22.32 -8.10 -16.46
C PHE D 215 -21.25 -8.87 -15.68
N ALA D 216 -20.33 -9.45 -16.42
CA ALA D 216 -19.21 -10.13 -15.81
C ALA D 216 -18.07 -10.03 -16.79
N PHE D 217 -16.91 -9.59 -16.27
CA PHE D 217 -15.70 -9.42 -17.07
C PHE D 217 -14.58 -10.20 -16.41
N ASN D 218 -13.77 -10.91 -17.20
CA ASN D 218 -12.48 -11.38 -16.65
C ASN D 218 -11.42 -11.30 -17.73
N MET D 219 -10.16 -11.25 -17.31
CA MET D 219 -9.07 -11.22 -18.26
C MET D 219 -7.85 -11.87 -17.61
N ASP D 220 -6.94 -12.32 -18.46
CA ASP D 220 -5.68 -12.85 -18.02
C ASP D 220 -4.82 -11.66 -17.66
N ILE D 221 -4.11 -11.77 -16.54
CA ILE D 221 -3.19 -10.73 -16.23
C ILE D 221 -1.76 -11.28 -15.93
N ASP D 222 -0.81 -10.80 -16.72
CA ASP D 222 0.62 -11.10 -16.65
C ASP D 222 1.51 -9.83 -16.56
N ASN D 223 0.93 -8.69 -16.23
CA ASN D 223 1.67 -7.44 -16.09
C ASN D 223 0.85 -6.56 -15.18
N GLU D 224 1.45 -6.20 -14.07
CA GLU D 224 0.72 -5.53 -13.02
C GLU D 224 0.11 -4.24 -13.54
N SER D 225 0.72 -3.65 -14.54
CA SER D 225 0.21 -2.39 -15.03
C SER D 225 -1.11 -2.52 -15.85
N LYS D 226 -1.55 -3.73 -16.18
CA LYS D 226 -2.80 -3.87 -16.98
C LYS D 226 -4.02 -3.97 -16.07
N LEU D 227 -3.79 -4.07 -14.78
CA LEU D 227 -4.88 -4.27 -13.86
C LEU D 227 -6.03 -3.24 -14.03
N PRO D 228 -5.70 -1.97 -14.29
CA PRO D 228 -6.87 -1.06 -14.36
C PRO D 228 -7.81 -1.36 -15.54
N LEU D 229 -7.33 -2.06 -16.57
CA LEU D 229 -8.19 -2.49 -17.68
C LEU D 229 -9.41 -3.30 -17.25
N ARG D 230 -9.35 -3.95 -16.07
CA ARG D 230 -10.46 -4.77 -15.64
C ARG D 230 -11.72 -3.92 -15.41
N LYS D 231 -11.55 -2.63 -15.11
CA LYS D 231 -12.73 -1.72 -15.14
C LYS D 231 -12.86 -0.89 -16.42
N SER D 232 -11.74 -0.46 -16.98
CA SER D 232 -11.81 0.43 -18.18
C SER D 232 -12.37 -0.28 -19.44
N ILE D 233 -11.97 -1.51 -19.71
CA ILE D 233 -12.52 -2.21 -20.89
C ILE D 233 -14.04 -2.42 -20.80
N PRO D 234 -14.53 -2.99 -19.68
CA PRO D 234 -16.01 -3.12 -19.57
C PRO D 234 -16.70 -1.78 -19.57
N THR D 235 -16.12 -0.79 -18.91
CA THR D 235 -16.73 0.52 -18.96
C THR D 235 -16.82 1.02 -20.38
N LYS D 236 -15.73 0.89 -21.14
CA LYS D 236 -15.81 1.31 -22.56
C LYS D 236 -16.85 0.61 -23.44
N ILE D 237 -17.00 -0.68 -23.23
CA ILE D 237 -18.05 -1.42 -23.91
C ILE D 237 -19.42 -0.88 -23.50
N MET D 238 -19.61 -0.67 -22.20
CA MET D 238 -20.97 -0.25 -21.79
C MET D 238 -21.23 1.21 -22.27
N GLU D 239 -20.15 1.99 -22.41
CA GLU D 239 -20.27 3.34 -22.99
C GLU D 239 -20.69 3.24 -24.48
N SER D 240 -20.02 2.38 -25.26
N SER D 240 -20.04 2.37 -25.26
CA SER D 240 -20.37 2.25 -26.67
CA SER D 240 -20.38 2.25 -26.68
C SER D 240 -21.81 1.79 -26.80
C SER D 240 -21.76 1.66 -26.87
N GLU D 241 -22.25 0.95 -25.86
CA GLU D 241 -23.58 0.34 -25.94
C GLU D 241 -24.66 1.33 -25.50
N GLY D 242 -24.25 2.47 -24.96
CA GLY D 242 -25.20 3.48 -24.52
C GLY D 242 -25.76 3.23 -23.14
N ILE D 243 -25.20 2.26 -22.42
CA ILE D 243 -25.63 2.05 -21.06
C ILE D 243 -25.07 3.16 -20.16
N ILE D 244 -23.79 3.48 -20.36
CA ILE D 244 -23.14 4.57 -19.60
C ILE D 244 -23.21 5.77 -20.53
N GLY D 245 -23.99 6.76 -20.16
CA GLY D 245 -24.14 7.95 -21.02
C GLY D 245 -25.54 8.06 -21.61
N GLY D 246 -25.92 9.25 -22.03
CA GLY D 246 -27.25 9.47 -22.54
C GLY D 246 -27.22 9.75 -24.03
C1 GOL E . 15.57 5.19 -20.82
O1 GOL E . 14.17 5.33 -20.67
C2 GOL E . 15.88 3.83 -21.43
O2 GOL E . 15.04 3.59 -22.53
C3 GOL E . 17.31 3.68 -21.90
O3 GOL E . 17.37 2.43 -22.56
C1 GOL F . 21.49 -16.39 1.22
O1 GOL F . 21.90 -15.29 0.44
C2 GOL F . 20.12 -16.76 0.73
O2 GOL F . 20.19 -16.38 -0.61
C3 GOL F . 20.07 -18.28 0.79
O3 GOL F . 21.27 -18.67 1.46
C1 GOL G . 36.84 -1.86 4.02
O1 GOL G . 36.11 -2.79 4.79
C2 GOL G . 37.48 -2.46 2.76
O2 GOL G . 37.67 -1.44 1.81
C3 GOL G . 38.83 -2.97 3.20
O3 GOL G . 38.62 -3.12 4.59
CAA LCE H . 17.44 -19.08 -1.85
OAD LCE H . 19.78 -18.37 -5.17
OAE LCE H . 18.53 -17.23 -3.80
OAF LCE H . 17.41 -18.23 -8.09
CLAG LCE H . 14.21 -17.18 -8.35
CLAH LCE H . 15.17 -19.76 -7.33
OAK LCE H . 17.02 -18.32 -3.00
SAM LCE H . 15.09 -19.25 -4.74
CAN LCE H . 18.71 -18.01 -4.70
CAP LCE H . 16.78 -19.21 -4.10
CAQ LCE H . 15.14 -17.68 -5.70
CAR LCE H . 17.46 -18.56 -5.29
CAS LCE H . 16.65 -17.35 -5.76
CAT LCE H . 15.26 -17.96 -7.20
CAU LCE H . 16.61 -17.29 -7.31
C1 GOL I . -47.88 27.17 9.44
O1 GOL I . -48.57 26.65 10.54
C2 GOL I . -46.68 27.89 10.03
O2 GOL I . -45.61 27.82 9.12
C3 GOL I . -46.34 27.14 11.31
O3 GOL I . -47.22 26.03 11.41
C1 GOL J . -51.21 -2.74 6.74
O1 GOL J . -52.33 -2.25 7.44
C2 GOL J . -51.73 -4.00 6.11
O2 GOL J . -52.79 -3.61 5.26
C3 GOL J . -52.31 -4.84 7.26
O3 GOL J . -51.49 -4.76 8.42
C1 GOL K . -19.17 1.92 6.25
O1 GOL K . -20.23 1.10 5.84
C2 GOL K . -18.71 2.73 5.08
O2 GOL K . -17.31 2.64 5.22
C3 GOL K . -19.17 2.04 3.78
O3 GOL K . -18.60 2.63 2.61
C1 GOL L . -41.51 -7.73 10.25
O1 GOL L . -42.32 -8.53 9.40
C2 GOL L . -40.27 -8.51 10.66
O2 GOL L . -39.14 -8.21 9.85
C3 GOL L . -40.62 -9.99 10.65
O3 GOL L . -41.34 -10.30 11.84
CAA LCE M . -36.98 18.10 -6.18
OAD LCE M . -36.58 17.41 -3.75
OAE LCE M . -36.79 18.37 -1.78
OAF LCE M . -40.48 18.56 -1.79
CLAG LCE M . -42.63 17.54 -4.52
CLAH LCE M . -41.66 20.13 -3.55
OAK LCE M . -36.68 19.23 -5.33
SAM LCE M . -39.47 19.81 -5.57
CAN LCE M . -37.10 18.19 -2.96
CAP LCE M . -37.90 19.76 -4.65
CAQ LCE M . -40.19 18.22 -5.01
CAR LCE M . -38.32 18.88 -3.45
CAS LCE M . -39.27 17.75 -3.87
CAT LCE M . -41.27 18.40 -3.96
CAU LCE M . -40.49 17.66 -2.91
P PO4 N . 36.38 6.14 17.45
O1 PO4 N . 35.78 5.77 16.16
O2 PO4 N . 35.37 6.92 18.23
O3 PO4 N . 36.75 4.89 18.20
O4 PO4 N . 37.56 6.95 17.14
C1 GOL O . 16.88 -1.77 3.83
O1 GOL O . 16.68 -1.56 2.44
C2 GOL O . 16.51 -3.19 4.20
O2 GOL O . 15.11 -3.40 4.14
C3 GOL O . 17.21 -4.08 3.16
O3 GOL O . 18.34 -4.69 3.77
P PO4 P . -9.44 -6.45 -5.77
O1 PO4 P . -9.38 -6.98 -7.17
O2 PO4 P . -10.88 -6.12 -5.50
O3 PO4 P . -9.02 -7.45 -4.75
O4 PO4 P . -8.67 -5.17 -5.81
C1 GOL Q . -19.93 8.01 -25.51
O1 GOL Q . -20.79 8.32 -24.44
C2 GOL Q . -18.48 8.22 -25.06
O2 GOL Q . -18.38 7.73 -23.75
C3 GOL Q . -17.56 7.39 -25.97
O3 GOL Q . -18.21 6.19 -26.32
C1 GOL R . -32.18 3.70 -11.65
O1 GOL R . -33.51 3.84 -12.15
C2 GOL R . -32.41 3.96 -10.17
O2 GOL R . -31.61 4.92 -9.46
C3 GOL R . -32.38 2.55 -9.62
O3 GOL R . -33.65 2.09 -9.98
C1 GOL S . -9.93 -32.40 -6.46
O1 GOL S . -9.80 -31.38 -7.39
C2 GOL S . -9.93 -31.83 -5.05
O2 GOL S . -11.17 -32.17 -4.46
C3 GOL S . -8.82 -32.51 -4.25
O3 GOL S . -8.93 -32.34 -2.84
#